data_5AFQ
#
_entry.id   5AFQ
#
_cell.length_a   218.270
_cell.length_b   218.270
_cell.length_c   182.930
_cell.angle_alpha   90.00
_cell.angle_beta   90.00
_cell.angle_gamma   90.00
#
_symmetry.space_group_name_H-M   'I 4 2 2'
#
loop_
_entity.id
_entity.type
_entity.pdbx_description
1 polymer 'DNA-DIRECTED RNA POLYMERASE III SUBUNIT RPC3'
2 polymer 'RPC32 BETA (RPC7L)'
#
loop_
_entity_poly.entity_id
_entity_poly.type
_entity_poly.pdbx_seq_one_letter_code
_entity_poly.pdbx_strand_id
1 'polypeptide(L)'
;MTQAEIKLCSLLLQEHFGEIVEKIGVHLIRTGSQPLRVIAHDTGTSLDQVKKALCVLVQHNLVSYQVHKRGVVEYEAQCS
RVLRMLRYPRYIYTTKTLYSDTGELIVEELLLNGKLTMSAVVKKVADRLTETMEDGKTMDYAEVSNTFVRLADTHFVQRC
PSVPTTENSDPGPPPPAPTLVINEKDMYLVPKLSLIGKGKRRRSSDEDAAGEPKAKRPKYTTDNKEPIPDDGIYWQANLD
RFHQHFRDQAIVSAVANRMDQTSSEIVRTMLRMSEITTSSSAPFTQPLSSNEIFRSLPVGYNISKQVLDQYLTLLADDPL
EFVGKSGDSGGGMYVINLHKALASLATATLESVVQERFGSRCARIFRLVLQKKHIEQKQVEDFAMIPAKEAKDMLYKMLS
ENFMSLQEIPKTPDHAPSRTFYLYTVNILSAARMLLHRCYKSIANLIERRQFETKENKRLLEKSQRVEAIIASMQATGAE
EAQLQEIEEMITAPERQQLETLKRNVNKLDASEIQVDETIFLLESYIECTMKRQ
;
A,B
2 'polypeptide(L)'
;(UNK)(UNK)(UNK)(UNK)(UNK)(UNK)(UNK)(UNK)(UNK)(UNK)(UNK)(UNK)(UNK)(UNK)(UNK)(UNK)
(UNK)(UNK)(UNK)(UNK)(UNK)(UNK)(UNK)(UNK)(UNK)(UNK)(UNK)(UNK)(UNK)(UNK)(UNK)(UNK)
(UNK)(UNK)(UNK)(UNK)(UNK)(UNK)(UNK)(UNK)(UNK)(UNK)(UNK)(UNK)(UNK)(UNK)(UNK)(UNK)
(UNK)(UNK)(UNK)(UNK)(UNK)(UNK)(UNK)(UNK)(UNK)(UNK)(UNK)(UNK)(UNK)(UNK)(UNK)(UNK)
(UNK)(UNK)(UNK)(UNK)(UNK)(UNK)(UNK)(UNK)(UNK)(UNK)(UNK)(UNK)(UNK)(UNK)(UNK)(UNK)
(UNK)(UNK)(UNK)(UNK)(UNK)(UNK)(UNK)(UNK)(UNK)(UNK)(UNK)(UNK)(UNK)(UNK)(UNK)(UNK)
(UNK)(UNK)(UNK)(UNK)(UNK)(UNK)(UNK)(UNK)(UNK)(UNK)(UNK)(UNK)(UNK)(UNK)(UNK)(UNK)
(UNK)(UNK)(UNK)(UNK)(UNK)(UNK)(UNK)(UNK)(UNK)(UNK)(UNK)(UNK)(UNK)(UNK)(UNK)(UNK)
(UNK)(UNK)(UNK)(UNK)(UNK)(UNK)(UNK)(UNK)(UNK)(UNK)(UNK)(UNK)(UNK)(UNK)(UNK)(UNK)
(UNK)(UNK)(UNK)(UNK)(UNK)(UNK)(UNK)(UNK)(UNK)(UNK)(UNK)(UNK)(UNK)(UNK)(UNK)(UNK)
(UNK)(UNK)(UNK)(UNK)(UNK)(UNK)(UNK)(UNK)(UNK)(UNK)(UNK)(UNK)(UNK)(UNK)(UNK)(UNK)
(UNK)(UNK)(UNK)(UNK)(UNK)(UNK)(UNK)(UNK)(UNK)(UNK)(UNK)(UNK)(UNK)(UNK)(UNK)(UNK)
(UNK)(UNK)(UNK)(UNK)(UNK)(UNK)(UNK)(UNK)(UNK)(UNK)(UNK)(UNK)(UNK)(UNK)(UNK)(UNK)
(UNK)(UNK)(UNK)(UNK)(UNK)(UNK)(UNK)(UNK)(UNK)(UNK)
;
D,E
#
# COMPACT_ATOMS: atom_id res chain seq x y z
N MET A 1 23.05 -18.14 -31.52
CA MET A 1 23.95 -17.97 -30.39
C MET A 1 23.79 -16.61 -29.65
N THR A 2 23.73 -15.42 -30.33
CA THR A 2 23.75 -15.15 -31.79
C THR A 2 25.14 -14.84 -32.33
N GLN A 3 25.23 -14.47 -33.61
CA GLN A 3 26.51 -14.17 -34.26
C GLN A 3 27.20 -13.03 -33.54
N ALA A 4 26.46 -11.95 -33.29
CA ALA A 4 26.96 -10.77 -32.59
C ALA A 4 27.41 -11.12 -31.19
N GLU A 5 26.73 -12.08 -30.53
CA GLU A 5 27.10 -12.54 -29.18
C GLU A 5 28.53 -13.10 -29.23
N ILE A 6 28.78 -13.97 -30.21
CA ILE A 6 30.10 -14.59 -30.44
C ILE A 6 31.14 -13.51 -30.70
N LYS A 7 30.94 -12.73 -31.77
CA LYS A 7 31.77 -11.62 -32.21
C LYS A 7 32.19 -10.75 -31.01
N LEU A 8 31.21 -10.45 -30.15
CA LEU A 8 31.38 -9.62 -28.97
C LEU A 8 32.31 -10.27 -27.98
N CYS A 9 32.09 -11.57 -27.71
CA CYS A 9 32.93 -12.39 -26.83
C CYS A 9 34.38 -12.26 -27.28
N SER A 10 34.63 -12.51 -28.59
CA SER A 10 35.93 -12.45 -29.22
C SER A 10 36.64 -11.16 -28.88
N LEU A 11 35.97 -10.05 -29.20
CA LEU A 11 36.50 -8.71 -28.98
C LEU A 11 36.89 -8.55 -27.52
N LEU A 12 36.02 -9.02 -26.61
CA LEU A 12 36.24 -8.97 -25.16
C LEU A 12 37.58 -9.55 -24.75
N LEU A 13 37.76 -10.83 -25.04
CA LEU A 13 38.97 -11.58 -24.72
C LEU A 13 40.19 -10.95 -25.34
N GLN A 14 40.03 -10.49 -26.58
CA GLN A 14 41.09 -9.81 -27.29
C GLN A 14 41.59 -8.62 -26.50
N GLU A 15 40.68 -7.76 -26.05
CA GLU A 15 41.03 -6.57 -25.29
C GLU A 15 41.73 -6.92 -23.98
N HIS A 16 41.23 -7.93 -23.27
CA HIS A 16 41.82 -8.20 -21.97
C HIS A 16 43.07 -9.08 -21.94
N PHE A 17 43.18 -10.11 -22.79
CA PHE A 17 44.32 -11.03 -22.62
C PHE A 17 45.23 -11.23 -23.82
N GLY A 18 44.65 -11.27 -25.01
CA GLY A 18 45.41 -11.49 -26.24
C GLY A 18 44.71 -12.35 -27.26
N GLU A 19 45.40 -12.58 -28.40
CA GLU A 19 44.97 -13.36 -29.58
C GLU A 19 44.80 -14.85 -29.21
N ILE A 20 45.67 -15.35 -28.31
CA ILE A 20 45.70 -16.74 -27.80
C ILE A 20 44.40 -17.12 -27.15
N VAL A 21 43.98 -16.34 -26.14
CA VAL A 21 42.77 -16.55 -25.36
C VAL A 21 41.52 -16.42 -26.23
N GLU A 22 41.56 -15.51 -27.21
CA GLU A 22 40.49 -15.23 -28.14
C GLU A 22 40.23 -16.42 -29.05
N LYS A 23 41.23 -16.84 -29.81
CA LYS A 23 41.18 -17.97 -30.75
C LYS A 23 40.49 -19.19 -30.13
N ILE A 24 41.04 -19.65 -29.00
CA ILE A 24 40.58 -20.81 -28.25
C ILE A 24 39.21 -20.60 -27.65
N GLY A 25 39.01 -19.44 -27.02
CA GLY A 25 37.72 -19.07 -26.45
C GLY A 25 36.67 -19.23 -27.53
N VAL A 26 36.86 -18.54 -28.66
CA VAL A 26 36.01 -18.59 -29.84
C VAL A 26 35.70 -20.03 -30.20
N HIS A 27 36.73 -20.89 -30.20
CA HIS A 27 36.57 -22.30 -30.52
C HIS A 27 35.73 -23.05 -29.47
N LEU A 28 35.89 -22.72 -28.18
CA LEU A 28 35.17 -23.37 -27.08
C LEU A 28 33.69 -23.04 -27.13
N ILE A 29 33.34 -21.86 -27.67
CA ILE A 29 31.94 -21.46 -27.83
C ILE A 29 31.41 -22.17 -29.08
N ARG A 30 32.16 -22.03 -30.20
CA ARG A 30 31.83 -22.58 -31.51
C ARG A 30 31.56 -24.06 -31.50
N THR A 31 32.41 -24.85 -30.80
CA THR A 31 32.31 -26.31 -30.79
C THR A 31 31.87 -26.95 -29.45
N GLY A 32 31.33 -26.16 -28.52
CA GLY A 32 30.85 -26.67 -27.23
C GLY A 32 31.94 -27.28 -26.37
N SER A 33 31.70 -28.50 -25.83
CA SER A 33 32.62 -29.23 -24.96
C SER A 33 33.70 -29.99 -25.73
N GLN A 34 35.00 -29.78 -25.38
CA GLN A 34 36.13 -30.37 -26.11
C GLN A 34 37.41 -30.60 -25.29
N PRO A 35 38.08 -31.76 -25.44
CA PRO A 35 39.34 -31.97 -24.69
C PRO A 35 40.46 -31.09 -25.21
N LEU A 36 41.56 -30.94 -24.44
CA LEU A 36 42.75 -30.13 -24.75
C LEU A 36 43.32 -30.43 -26.16
N ARG A 37 43.27 -31.71 -26.54
CA ARG A 37 43.83 -32.28 -27.77
C ARG A 37 43.07 -31.91 -29.04
N VAL A 38 41.73 -32.10 -29.02
CA VAL A 38 40.86 -31.79 -30.15
C VAL A 38 40.89 -30.28 -30.42
N ILE A 39 41.05 -29.48 -29.34
CA ILE A 39 41.19 -28.02 -29.46
C ILE A 39 42.50 -27.72 -30.14
N ALA A 40 43.61 -28.32 -29.69
CA ALA A 40 44.91 -28.11 -30.32
C ALA A 40 45.00 -28.70 -31.71
N HIS A 41 44.00 -29.45 -32.14
CA HIS A 41 44.04 -30.06 -33.47
C HIS A 41 43.20 -29.31 -34.50
N ASP A 42 41.98 -28.94 -34.10
CA ASP A 42 41.05 -28.23 -34.97
C ASP A 42 41.46 -26.79 -35.18
N THR A 43 42.14 -26.20 -34.17
CA THR A 43 42.62 -24.82 -34.23
C THR A 43 43.85 -24.66 -35.13
N GLY A 44 44.62 -25.74 -35.27
CA GLY A 44 45.89 -25.72 -35.98
C GLY A 44 46.88 -24.96 -35.12
N THR A 45 46.78 -25.17 -33.80
CA THR A 45 47.59 -24.52 -32.77
C THR A 45 48.11 -25.60 -31.83
N SER A 46 49.37 -25.49 -31.42
CA SER A 46 50.03 -26.43 -30.53
C SER A 46 49.28 -26.59 -29.18
N LEU A 47 49.75 -27.53 -28.33
CA LEU A 47 49.14 -27.81 -27.03
C LEU A 47 49.61 -26.92 -25.87
N ASP A 48 50.82 -26.31 -25.97
CA ASP A 48 51.33 -25.39 -24.94
C ASP A 48 50.63 -24.03 -25.10
N GLN A 49 50.43 -23.58 -26.36
CA GLN A 49 49.71 -22.34 -26.69
C GLN A 49 48.25 -22.46 -26.21
N VAL A 50 47.66 -23.64 -26.43
CA VAL A 50 46.31 -24.02 -25.98
C VAL A 50 46.26 -23.92 -24.44
N LYS A 51 47.23 -24.58 -23.75
CA LYS A 51 47.31 -24.63 -22.29
C LYS A 51 47.42 -23.22 -21.66
N LYS A 52 48.22 -22.32 -22.27
CA LYS A 52 48.40 -20.93 -21.81
C LYS A 52 47.10 -20.15 -21.87
N ALA A 53 46.36 -20.30 -22.99
CA ALA A 53 45.08 -19.64 -23.23
C ALA A 53 44.03 -20.05 -22.18
N LEU A 54 43.94 -21.38 -21.90
CA LEU A 54 43.01 -21.94 -20.92
C LEU A 54 43.28 -21.42 -19.52
N CYS A 55 44.57 -21.15 -19.21
CA CYS A 55 45.01 -20.60 -17.91
C CYS A 55 44.27 -19.31 -17.60
N VAL A 56 44.44 -18.29 -18.46
CA VAL A 56 43.79 -17.00 -18.28
C VAL A 56 42.26 -17.14 -18.33
N LEU A 57 41.77 -18.17 -19.02
CA LEU A 57 40.33 -18.41 -19.10
C LEU A 57 39.70 -18.82 -17.76
N VAL A 58 40.12 -19.96 -17.20
CA VAL A 58 39.54 -20.48 -15.96
C VAL A 58 39.91 -19.65 -14.73
N GLN A 59 41.18 -19.20 -14.64
CA GLN A 59 41.67 -18.41 -13.51
C GLN A 59 40.75 -17.22 -13.30
N HIS A 60 40.31 -16.64 -14.41
CA HIS A 60 39.44 -15.49 -14.46
C HIS A 60 37.97 -15.85 -14.30
N ASN A 61 37.71 -17.16 -14.06
CA ASN A 61 36.43 -17.84 -13.73
C ASN A 61 35.47 -18.14 -14.89
N LEU A 62 35.89 -17.98 -16.16
CA LEU A 62 34.99 -18.14 -17.32
C LEU A 62 34.84 -19.55 -17.89
N VAL A 63 35.94 -20.21 -18.28
CA VAL A 63 35.85 -21.53 -18.90
C VAL A 63 35.67 -22.61 -17.85
N SER A 64 34.91 -23.64 -18.23
CA SER A 64 34.62 -24.79 -17.42
C SER A 64 35.40 -26.00 -17.91
N TYR A 65 35.73 -26.91 -17.00
CA TYR A 65 36.37 -28.15 -17.38
C TYR A 65 35.77 -29.30 -16.60
N GLN A 66 35.37 -30.33 -17.33
CA GLN A 66 34.82 -31.55 -16.76
C GLN A 66 35.42 -32.76 -17.43
N VAL A 67 35.55 -33.85 -16.67
CA VAL A 67 36.07 -35.11 -17.15
C VAL A 67 34.89 -35.86 -17.78
N HIS A 68 34.93 -35.99 -19.11
CA HIS A 68 33.89 -36.65 -19.91
C HIS A 68 34.22 -38.10 -20.23
N LYS A 69 33.16 -38.86 -20.58
CA LYS A 69 33.09 -40.28 -20.94
C LYS A 69 34.35 -41.11 -20.62
N ARG A 70 35.35 -41.10 -21.53
CA ARG A 70 36.57 -41.90 -21.44
C ARG A 70 37.67 -41.27 -20.57
N GLY A 71 37.27 -40.65 -19.46
CA GLY A 71 38.18 -40.02 -18.51
C GLY A 71 39.00 -38.90 -19.10
N VAL A 72 38.51 -38.28 -20.19
CA VAL A 72 39.23 -37.21 -20.89
C VAL A 72 38.82 -35.85 -20.36
N VAL A 73 39.82 -35.03 -19.97
CA VAL A 73 39.57 -33.68 -19.48
C VAL A 73 39.09 -32.84 -20.64
N GLU A 74 37.77 -32.59 -20.66
CA GLU A 74 37.12 -31.78 -21.67
C GLU A 74 36.89 -30.38 -21.14
N TYR A 75 36.82 -29.41 -22.05
CA TYR A 75 36.78 -27.99 -21.74
C TYR A 75 35.64 -27.28 -22.45
N GLU A 76 35.15 -26.18 -21.87
CA GLU A 76 33.98 -25.51 -22.42
C GLU A 76 33.86 -24.06 -22.00
N ALA A 77 33.38 -23.22 -22.90
CA ALA A 77 33.13 -21.82 -22.59
C ALA A 77 31.64 -21.61 -22.30
N GLN A 78 31.30 -20.52 -21.62
CA GLN A 78 29.92 -20.17 -21.28
C GLN A 78 29.70 -18.72 -21.69
N CYS A 79 28.89 -18.51 -22.74
CA CYS A 79 28.65 -17.23 -23.41
C CYS A 79 28.23 -16.09 -22.47
N SER A 80 27.19 -16.29 -21.64
CA SER A 80 26.70 -15.27 -20.72
C SER A 80 27.83 -14.77 -19.83
N ARG A 81 28.61 -15.72 -19.30
CA ARG A 81 29.75 -15.44 -18.43
C ARG A 81 30.74 -14.53 -19.10
N VAL A 82 30.93 -14.67 -20.42
CA VAL A 82 31.83 -13.82 -21.19
C VAL A 82 31.31 -12.40 -21.21
N LEU A 83 30.02 -12.25 -21.50
CA LEU A 83 29.37 -10.95 -21.63
C LEU A 83 29.30 -10.16 -20.35
N ARG A 84 29.41 -10.83 -19.20
CA ARG A 84 29.35 -10.11 -17.94
C ARG A 84 30.53 -9.19 -17.77
N MET A 85 31.63 -9.45 -18.52
CA MET A 85 32.84 -8.63 -18.57
C MET A 85 32.50 -7.17 -18.93
N LEU A 86 31.28 -6.95 -19.45
CA LEU A 86 30.84 -5.62 -19.83
C LEU A 86 30.42 -4.78 -18.65
N ARG A 87 29.59 -5.33 -17.76
CA ARG A 87 29.09 -4.62 -16.57
C ARG A 87 30.18 -4.40 -15.55
N TYR A 88 31.26 -5.17 -15.68
CA TYR A 88 32.43 -5.15 -14.80
C TYR A 88 32.71 -3.75 -14.22
N PRO A 89 32.90 -2.67 -15.02
CA PRO A 89 33.16 -1.37 -14.40
C PRO A 89 32.04 -0.86 -13.52
N ARG A 90 30.78 -0.99 -13.97
CA ARG A 90 29.67 -0.47 -13.20
C ARG A 90 29.57 -1.21 -11.88
N TYR A 91 29.82 -2.54 -11.92
CA TYR A 91 29.86 -3.37 -10.73
C TYR A 91 30.86 -2.70 -9.80
N ILE A 92 32.06 -2.45 -10.31
CA ILE A 92 33.14 -1.82 -9.55
C ILE A 92 32.73 -0.51 -8.93
N TYR A 93 32.30 0.45 -9.75
CA TYR A 93 32.04 1.80 -9.29
C TYR A 93 30.92 1.89 -8.28
N THR A 94 29.92 1.01 -8.40
CA THR A 94 28.83 0.98 -7.43
C THR A 94 29.40 0.52 -6.11
N THR A 95 30.35 -0.41 -6.17
CA THR A 95 31.01 -0.87 -4.98
C THR A 95 31.78 0.29 -4.35
N LYS A 96 32.48 1.10 -5.19
CA LYS A 96 33.20 2.29 -4.73
C LYS A 96 32.22 3.15 -3.97
N THR A 97 31.06 3.32 -4.57
CA THR A 97 29.98 4.10 -4.01
C THR A 97 29.60 3.60 -2.60
N LEU A 98 29.26 2.31 -2.48
CA LEU A 98 28.70 1.74 -1.27
C LEU A 98 29.68 1.48 -0.12
N TYR A 99 30.85 0.90 -0.36
CA TYR A 99 31.78 0.61 0.72
C TYR A 99 33.13 1.24 0.46
N SER A 100 33.07 2.51 0.05
CA SER A 100 34.21 3.37 -0.23
C SER A 100 35.21 2.78 -1.22
N ASP A 101 36.34 3.45 -1.35
CA ASP A 101 37.42 3.13 -2.27
C ASP A 101 38.12 1.86 -1.84
N THR A 102 38.12 1.62 -0.52
CA THR A 102 38.62 0.39 0.06
C THR A 102 37.93 -0.76 -0.68
N GLY A 103 36.59 -0.76 -0.66
CA GLY A 103 35.79 -1.72 -1.39
C GLY A 103 36.17 -1.73 -2.86
N GLU A 104 36.14 -0.53 -3.51
CA GLU A 104 36.50 -0.33 -4.93
C GLU A 104 37.65 -1.21 -5.34
N LEU A 105 38.72 -1.21 -4.54
CA LEU A 105 39.91 -1.95 -4.88
C LEU A 105 39.76 -3.44 -4.72
N ILE A 106 39.12 -3.87 -3.62
CA ILE A 106 38.89 -5.28 -3.33
C ILE A 106 38.35 -5.95 -4.57
N VAL A 107 37.18 -5.48 -5.00
CA VAL A 107 36.50 -6.00 -6.18
C VAL A 107 37.38 -5.88 -7.40
N GLU A 108 37.97 -4.69 -7.61
CA GLU A 108 38.82 -4.38 -8.74
C GLU A 108 39.73 -5.51 -9.17
N GLU A 109 40.41 -6.13 -8.22
CA GLU A 109 41.33 -7.21 -8.51
C GLU A 109 40.65 -8.57 -8.57
N LEU A 110 39.61 -8.81 -7.72
CA LEU A 110 38.87 -10.09 -7.68
C LEU A 110 38.32 -10.52 -9.04
N LEU A 111 38.15 -9.58 -9.97
CA LEU A 111 37.69 -9.89 -11.31
C LEU A 111 38.88 -10.01 -12.23
N LEU A 112 39.77 -9.00 -12.21
CA LEU A 112 40.90 -8.92 -13.11
C LEU A 112 42.01 -9.96 -12.86
N ASN A 113 42.03 -10.57 -11.66
CA ASN A 113 42.94 -11.65 -11.30
C ASN A 113 42.06 -12.88 -11.05
N GLY A 114 40.74 -12.68 -11.15
CA GLY A 114 39.74 -13.73 -10.97
C GLY A 114 39.76 -14.35 -9.58
N LYS A 115 40.13 -15.64 -9.52
CA LYS A 115 40.25 -16.39 -8.28
C LYS A 115 41.43 -15.91 -7.40
N LEU A 116 41.11 -15.39 -6.21
CA LEU A 116 42.09 -14.91 -5.22
C LEU A 116 41.55 -15.19 -3.82
N THR A 117 42.41 -15.72 -2.92
CA THR A 117 42.01 -16.00 -1.53
C THR A 117 41.76 -14.70 -0.80
N MET A 118 41.21 -14.78 0.43
CA MET A 118 40.90 -13.63 1.31
C MET A 118 42.15 -12.78 1.55
N SER A 119 43.14 -13.37 2.25
CA SER A 119 44.40 -12.75 2.63
C SER A 119 45.09 -12.03 1.49
N ALA A 120 45.35 -12.74 0.37
CA ALA A 120 46.03 -12.21 -0.82
C ALA A 120 45.45 -10.88 -1.21
N VAL A 121 44.13 -10.79 -1.32
CA VAL A 121 43.40 -9.58 -1.64
C VAL A 121 43.68 -8.52 -0.58
N VAL A 122 43.42 -8.86 0.69
CA VAL A 122 43.56 -7.96 1.84
C VAL A 122 44.88 -7.22 1.82
N LYS A 123 46.00 -7.94 1.79
CA LYS A 123 47.28 -7.26 1.78
C LYS A 123 47.51 -6.55 0.47
N LYS A 124 47.17 -7.20 -0.66
CA LYS A 124 47.33 -6.61 -2.01
C LYS A 124 46.84 -5.17 -2.03
N VAL A 125 45.62 -5.00 -1.54
CA VAL A 125 44.94 -3.73 -1.47
C VAL A 125 45.48 -2.80 -0.38
N ALA A 126 45.79 -3.32 0.84
CA ALA A 126 46.31 -2.49 1.93
C ALA A 126 47.54 -1.72 1.47
N ASP A 127 48.48 -2.42 0.79
CA ASP A 127 49.69 -1.80 0.22
C ASP A 127 49.31 -0.90 -0.97
N ARG A 128 48.33 -1.35 -1.79
CA ARG A 128 47.84 -0.60 -2.93
C ARG A 128 47.07 0.64 -2.46
N LEU A 129 46.90 0.76 -1.14
CA LEU A 129 46.21 1.86 -0.50
C LEU A 129 47.15 2.59 0.43
N THR A 130 48.35 2.03 0.68
CA THR A 130 49.37 2.68 1.50
C THR A 130 50.19 3.57 0.59
N GLU A 131 50.22 3.20 -0.70
CA GLU A 131 50.91 3.90 -1.76
C GLU A 131 50.16 5.19 -2.11
N THR A 132 48.86 5.20 -1.80
CA THR A 132 47.96 6.32 -2.06
C THR A 132 47.90 7.21 -0.84
N MET A 133 47.93 6.60 0.37
CA MET A 133 47.89 7.30 1.67
C MET A 133 49.04 8.26 1.81
N GLU A 134 48.77 9.42 2.43
CA GLU A 134 49.78 10.45 2.68
C GLU A 134 50.93 9.79 3.42
N ASP A 135 52.07 9.64 2.73
CA ASP A 135 53.32 9.04 3.18
C ASP A 135 53.31 8.70 4.68
N GLY A 136 52.83 7.49 4.97
CA GLY A 136 52.73 7.00 6.33
C GLY A 136 51.31 6.66 6.73
N LYS A 137 51.09 6.52 8.06
CA LYS A 137 49.84 6.14 8.73
C LYS A 137 49.48 4.71 8.39
N THR A 138 49.78 4.29 7.13
CA THR A 138 49.58 2.99 6.51
C THR A 138 48.15 2.55 6.51
N MET A 139 47.83 1.60 5.64
CA MET A 139 46.50 1.06 5.67
C MET A 139 46.51 -0.19 6.49
N ASP A 140 45.81 -0.05 7.61
CA ASP A 140 45.53 -1.09 8.56
C ASP A 140 44.76 -2.12 7.74
N TYR A 141 45.22 -3.36 7.79
CA TYR A 141 44.63 -4.48 7.06
C TYR A 141 43.18 -4.71 7.52
N ALA A 142 42.88 -4.32 8.78
CA ALA A 142 41.60 -4.55 9.45
C ALA A 142 40.43 -3.93 8.76
N GLU A 143 40.48 -2.62 8.44
CA GLU A 143 39.37 -1.93 7.78
C GLU A 143 39.08 -2.60 6.44
N VAL A 144 40.15 -2.89 5.69
CA VAL A 144 40.13 -3.59 4.42
C VAL A 144 39.29 -4.85 4.62
N SER A 145 39.75 -5.69 5.55
CA SER A 145 39.11 -6.94 5.92
C SER A 145 37.66 -6.75 6.34
N ASN A 146 37.33 -5.66 7.09
CA ASN A 146 35.95 -5.41 7.52
C ASN A 146 35.08 -5.33 6.30
N THR A 147 35.37 -4.39 5.40
CA THR A 147 34.67 -4.20 4.15
C THR A 147 34.56 -5.52 3.41
N PHE A 148 35.64 -6.33 3.40
CA PHE A 148 35.59 -7.64 2.76
C PHE A 148 34.51 -8.49 3.38
N VAL A 149 34.55 -8.66 4.70
CA VAL A 149 33.56 -9.45 5.46
C VAL A 149 32.18 -8.95 5.13
N ARG A 150 31.99 -7.62 5.18
CA ARG A 150 30.71 -6.97 4.90
C ARG A 150 30.21 -7.36 3.53
N LEU A 151 31.13 -7.56 2.59
CA LEU A 151 30.77 -7.99 1.26
C LEU A 151 30.27 -9.41 1.28
N ALA A 152 30.98 -10.29 2.01
CA ALA A 152 30.60 -11.71 2.13
C ALA A 152 29.29 -11.90 2.91
N ASP A 153 28.91 -10.90 3.71
CA ASP A 153 27.68 -10.91 4.51
C ASP A 153 26.48 -10.47 3.71
N THR A 154 26.68 -9.47 2.85
CA THR A 154 25.64 -8.98 1.97
C THR A 154 25.60 -9.83 0.69
N HIS A 155 26.42 -10.90 0.64
CA HIS A 155 26.57 -11.88 -0.46
C HIS A 155 27.13 -11.25 -1.73
N PHE A 156 27.74 -10.07 -1.63
CA PHE A 156 28.35 -9.43 -2.77
C PHE A 156 29.72 -10.05 -3.03
N VAL A 157 30.13 -10.94 -2.14
CA VAL A 157 31.33 -11.76 -2.23
C VAL A 157 30.95 -13.16 -1.72
N GLN A 158 31.32 -14.20 -2.46
CA GLN A 158 31.05 -15.58 -2.06
C GLN A 158 32.25 -16.48 -2.40
N ARG A 159 32.26 -17.70 -1.85
CA ARG A 159 33.36 -18.63 -2.01
C ARG A 159 33.36 -19.43 -3.29
N CYS A 160 34.56 -19.86 -3.69
CA CYS A 160 34.74 -20.73 -4.82
C CYS A 160 34.59 -22.16 -4.31
N PRO A 161 33.54 -22.87 -4.78
CA PRO A 161 33.29 -24.24 -4.30
C PRO A 161 34.28 -25.28 -4.82
N SER A 162 33.93 -26.59 -4.67
CA SER A 162 34.76 -27.73 -5.08
C SER A 162 34.07 -28.74 -6.04
N VAL A 163 34.81 -29.27 -7.04
CA VAL A 163 34.33 -30.27 -8.04
C VAL A 163 34.66 -31.70 -7.58
N ASP A 231 46.48 -20.71 3.94
CA ASP A 231 46.05 -19.32 4.09
C ASP A 231 45.02 -18.90 2.99
N GLY A 232 44.31 -19.88 2.45
CA GLY A 232 43.28 -19.67 1.44
C GLY A 232 41.93 -20.05 1.99
N ILE A 233 41.02 -20.56 1.15
CA ILE A 233 41.23 -20.72 -0.27
C ILE A 233 40.14 -19.94 -1.03
N TYR A 234 40.32 -19.72 -2.34
CA TYR A 234 39.74 -18.81 -3.32
C TYR A 234 38.38 -18.20 -2.96
N TRP A 235 38.10 -17.03 -3.53
CA TRP A 235 36.85 -16.29 -3.35
C TRP A 235 36.55 -15.57 -4.66
N GLN A 236 35.29 -15.21 -4.90
CA GLN A 236 34.93 -14.56 -6.16
C GLN A 236 33.79 -13.55 -6.04
N ALA A 237 33.42 -12.92 -7.18
CA ALA A 237 32.37 -11.91 -7.27
C ALA A 237 30.99 -12.46 -7.57
N ASN A 238 30.05 -12.19 -6.66
CA ASN A 238 28.67 -12.65 -6.81
C ASN A 238 27.84 -11.62 -7.55
N LEU A 239 28.07 -11.53 -8.85
CA LEU A 239 27.35 -10.63 -9.74
C LEU A 239 25.83 -10.89 -9.78
N ASP A 240 25.36 -11.96 -9.09
CA ASP A 240 23.94 -12.28 -8.97
C ASP A 240 23.28 -11.29 -8.01
N ARG A 241 23.92 -11.04 -6.86
CA ARG A 241 23.41 -10.10 -5.87
C ARG A 241 23.59 -8.67 -6.39
N PHE A 242 24.45 -8.54 -7.38
CA PHE A 242 24.64 -7.28 -8.08
C PHE A 242 23.42 -7.10 -8.94
N HIS A 243 23.02 -8.17 -9.67
CA HIS A 243 21.83 -8.17 -10.52
C HIS A 243 20.66 -7.91 -9.63
N GLN A 244 20.70 -8.46 -8.40
CA GLN A 244 19.68 -8.23 -7.41
C GLN A 244 19.63 -6.74 -7.14
N HIS A 245 20.79 -6.09 -6.92
CA HIS A 245 20.75 -4.67 -6.58
C HIS A 245 20.44 -3.76 -7.73
N PHE A 246 20.84 -4.11 -8.94
CA PHE A 246 20.57 -3.28 -10.11
C PHE A 246 19.14 -3.35 -10.45
N ARG A 247 18.58 -4.55 -10.35
CA ARG A 247 17.18 -4.84 -10.50
C ARG A 247 16.51 -3.89 -9.49
N ASP A 248 16.90 -4.01 -8.21
CA ASP A 248 16.40 -3.24 -7.07
C ASP A 248 16.38 -1.75 -7.31
N GLN A 249 17.52 -1.18 -7.74
CA GLN A 249 17.67 0.25 -7.99
C GLN A 249 16.81 0.69 -9.14
N ALA A 250 16.93 0.01 -10.32
CA ALA A 250 16.17 0.33 -11.53
C ALA A 250 14.71 0.49 -11.17
N ILE A 251 14.24 -0.43 -10.34
CA ILE A 251 12.89 -0.43 -9.82
C ILE A 251 12.63 0.80 -8.95
N VAL A 252 13.40 0.97 -7.86
CA VAL A 252 13.23 2.09 -6.91
C VAL A 252 13.09 3.40 -7.66
N SER A 253 14.08 3.70 -8.50
CA SER A 253 14.11 4.90 -9.31
C SER A 253 12.91 5.01 -10.24
N ALA A 254 12.42 3.89 -10.80
CA ALA A 254 11.25 3.92 -11.69
C ALA A 254 10.04 4.45 -10.94
N VAL A 255 9.91 4.06 -9.67
CA VAL A 255 8.87 4.57 -8.82
C VAL A 255 9.12 6.04 -8.62
N ALA A 256 10.36 6.39 -8.26
CA ALA A 256 10.78 7.75 -7.98
C ALA A 256 10.45 8.73 -9.11
N ASN A 257 10.43 8.26 -10.37
CA ASN A 257 10.10 9.14 -11.49
C ASN A 257 8.63 9.00 -11.93
N ARG A 258 8.01 7.86 -11.64
CA ARG A 258 6.63 7.59 -12.00
C ARG A 258 5.65 7.95 -10.87
N MET A 259 6.18 8.17 -9.66
CA MET A 259 5.44 8.50 -8.44
C MET A 259 6.25 9.57 -7.70
N ASP A 260 6.85 9.24 -6.53
CA ASP A 260 7.70 10.17 -5.78
C ASP A 260 8.71 9.49 -4.88
N GLN A 261 9.64 10.28 -4.29
CA GLN A 261 10.74 9.83 -3.42
C GLN A 261 10.28 8.96 -2.26
N THR A 262 9.23 9.39 -1.57
CA THR A 262 8.76 8.66 -0.41
C THR A 262 8.36 7.25 -0.80
N SER A 263 7.59 7.13 -1.88
CA SER A 263 7.12 5.85 -2.41
C SER A 263 8.30 4.93 -2.68
N SER A 264 9.25 5.42 -3.47
CA SER A 264 10.45 4.69 -3.83
C SER A 264 11.25 4.25 -2.61
N GLU A 265 11.21 5.04 -1.52
CA GLU A 265 11.89 4.67 -0.28
C GLU A 265 11.21 3.44 0.32
N ILE A 266 9.88 3.39 0.23
CA ILE A 266 9.14 2.22 0.72
C ILE A 266 9.65 1.02 -0.04
N VAL A 267 9.72 1.13 -1.37
CA VAL A 267 10.20 0.09 -2.26
C VAL A 267 11.54 -0.42 -1.80
N ARG A 268 12.49 0.50 -1.60
CA ARG A 268 13.83 0.20 -1.13
C ARG A 268 13.71 -0.60 0.16
N THR A 269 12.78 -0.23 1.06
CA THR A 269 12.56 -0.95 2.32
C THR A 269 12.14 -2.40 2.00
N MET A 270 11.21 -2.58 1.03
CA MET A 270 10.66 -3.87 0.58
C MET A 270 11.71 -4.79 0.00
N LEU A 271 12.51 -4.24 -0.91
CA LEU A 271 13.58 -4.95 -1.57
C LEU A 271 14.67 -5.32 -0.59
N ARG A 272 14.91 -4.46 0.42
CA ARG A 272 15.91 -4.67 1.47
C ARG A 272 15.57 -5.90 2.30
N MET A 273 14.26 -6.16 2.50
CA MET A 273 13.81 -7.36 3.20
C MET A 273 13.40 -8.45 2.22
N SER A 274 13.66 -8.22 0.93
CA SER A 274 13.43 -9.18 -0.15
C SER A 274 14.72 -9.44 -0.94
N GLU A 275 15.89 -9.16 -0.30
CA GLU A 275 17.23 -9.33 -0.90
C GLU A 275 17.84 -10.72 -0.60
N ILE A 276 17.15 -11.51 0.24
CA ILE A 276 17.66 -12.82 0.68
C ILE A 276 16.61 -13.93 0.55
N THR A 277 15.36 -13.61 0.86
CA THR A 277 14.22 -14.52 0.80
C THR A 277 13.71 -14.73 -0.64
N THR A 278 14.11 -13.84 -1.57
CA THR A 278 13.72 -13.92 -2.97
C THR A 278 14.90 -13.94 -3.94
N SER A 279 14.61 -14.36 -5.18
CA SER A 279 15.60 -14.51 -6.23
C SER A 279 15.72 -13.27 -7.17
N SER A 280 16.74 -13.29 -8.07
CA SER A 280 17.02 -12.24 -9.06
C SER A 280 16.16 -12.42 -10.33
N SER A 281 15.44 -13.55 -10.42
CA SER A 281 14.59 -13.91 -11.56
C SER A 281 13.18 -14.41 -11.13
N ALA A 282 12.81 -14.18 -9.86
CA ALA A 282 11.48 -14.53 -9.37
C ALA A 282 10.51 -13.53 -9.99
N PRO A 283 9.29 -13.95 -10.38
CA PRO A 283 8.36 -12.97 -10.98
C PRO A 283 7.73 -12.04 -9.94
N PHE A 284 7.64 -12.52 -8.69
CA PHE A 284 7.01 -11.82 -7.56
C PHE A 284 7.71 -12.22 -6.27
N THR A 285 7.85 -11.25 -5.35
CA THR A 285 8.52 -11.45 -4.06
C THR A 285 7.70 -12.27 -3.07
N GLN A 286 7.96 -12.06 -1.77
CA GLN A 286 7.32 -12.75 -0.65
C GLN A 286 6.37 -11.78 0.08
N PRO A 287 5.15 -12.25 0.47
CA PRO A 287 4.19 -11.36 1.15
C PRO A 287 4.77 -10.74 2.41
N LEU A 288 4.43 -9.47 2.69
CA LEU A 288 4.96 -8.71 3.82
C LEU A 288 3.89 -7.76 4.36
N SER A 289 3.63 -7.78 5.67
CA SER A 289 2.59 -6.93 6.27
C SER A 289 2.99 -5.48 6.46
N SER A 290 1.99 -4.62 6.46
CA SER A 290 2.14 -3.18 6.68
C SER A 290 2.92 -2.86 7.95
N ASN A 291 2.61 -3.59 9.05
CA ASN A 291 3.17 -3.39 10.40
C ASN A 291 4.69 -3.59 10.50
N GLU A 292 5.21 -4.72 10.01
CA GLU A 292 6.62 -5.06 10.01
C GLU A 292 7.40 -4.18 9.04
N ILE A 293 6.74 -3.72 7.97
CA ILE A 293 7.34 -2.82 6.99
C ILE A 293 7.51 -1.47 7.65
N PHE A 294 6.47 -1.09 8.42
CA PHE A 294 6.43 0.13 9.22
C PHE A 294 7.51 0.02 10.30
N ARG A 295 7.84 -1.23 10.67
CA ARG A 295 8.87 -1.54 11.64
C ARG A 295 10.28 -1.45 11.04
N SER A 296 10.45 -1.95 9.81
CA SER A 296 11.73 -1.89 9.11
C SER A 296 11.95 -0.54 8.42
N LEU A 297 11.28 0.51 8.89
CA LEU A 297 11.39 1.86 8.35
C LEU A 297 12.77 2.45 8.51
N PRO A 298 13.27 3.17 7.50
CA PRO A 298 14.57 3.85 7.67
C PRO A 298 14.46 4.97 8.70
N VAL A 299 15.61 5.33 9.30
CA VAL A 299 15.76 6.34 10.36
C VAL A 299 15.53 7.78 9.88
N GLY A 300 15.77 8.04 8.60
CA GLY A 300 15.56 9.35 7.99
C GLY A 300 14.10 9.67 7.81
N TYR A 301 13.22 8.64 7.93
CA TYR A 301 11.79 8.80 7.78
C TYR A 301 10.98 8.53 9.00
N ASN A 302 10.36 9.60 9.48
CA ASN A 302 9.44 9.56 10.61
C ASN A 302 8.08 9.63 9.96
N ILE A 303 7.62 8.52 9.40
CA ILE A 303 6.34 8.54 8.70
C ILE A 303 5.32 7.59 9.35
N SER A 304 4.14 8.16 9.64
CA SER A 304 3.04 7.54 10.35
C SER A 304 2.42 6.35 9.66
N LYS A 305 1.78 5.52 10.48
CA LYS A 305 1.09 4.32 10.10
C LYS A 305 0.03 4.61 9.07
N GLN A 306 -0.96 5.47 9.39
CA GLN A 306 -2.00 5.82 8.45
C GLN A 306 -1.42 6.39 7.16
N VAL A 307 -0.31 7.11 7.29
CA VAL A 307 0.42 7.63 6.14
C VAL A 307 0.83 6.44 5.30
N LEU A 308 1.54 5.53 5.94
CA LEU A 308 1.98 4.29 5.33
C LEU A 308 0.81 3.54 4.67
N ASP A 309 -0.39 3.59 5.27
CA ASP A 309 -1.57 2.87 4.78
C ASP A 309 -2.22 3.44 3.53
N GLN A 310 -2.36 4.78 3.47
CA GLN A 310 -2.92 5.45 2.28
C GLN A 310 -1.93 5.23 1.16
N TYR A 311 -0.64 5.26 1.51
CA TYR A 311 0.44 5.06 0.58
C TYR A 311 0.40 3.68 -0.02
N LEU A 312 0.26 2.67 0.84
CA LEU A 312 0.22 1.28 0.40
C LEU A 312 -0.92 1.02 -0.53
N THR A 313 -2.15 1.35 -0.10
CA THR A 313 -3.37 1.17 -0.89
C THR A 313 -3.19 1.84 -2.23
N LEU A 314 -2.54 3.00 -2.24
CA LEU A 314 -2.25 3.73 -3.47
C LEU A 314 -1.31 2.92 -4.36
N LEU A 315 -0.23 2.41 -3.78
CA LEU A 315 0.80 1.68 -4.50
C LEU A 315 0.29 0.44 -5.19
N ALA A 316 -0.48 -0.37 -4.45
CA ALA A 316 -1.05 -1.59 -4.98
C ALA A 316 -1.98 -1.24 -6.13
N ASP A 317 -3.08 -0.52 -5.81
CA ASP A 317 -4.07 -0.07 -6.77
C ASP A 317 -3.51 1.13 -7.55
N ASP A 318 -2.52 0.85 -8.40
CA ASP A 318 -1.86 1.83 -9.26
C ASP A 318 -1.91 1.27 -10.69
N PRO A 319 -2.43 2.02 -11.71
CA PRO A 319 -2.53 1.46 -13.08
C PRO A 319 -1.23 0.88 -13.65
N LEU A 320 -0.09 1.42 -13.18
CA LEU A 320 1.28 1.02 -13.49
C LEU A 320 1.46 -0.38 -12.90
N GLU A 321 1.11 -0.53 -11.60
CA GLU A 321 1.18 -1.76 -10.82
C GLU A 321 2.52 -2.42 -10.87
N PHE A 322 3.37 -2.06 -9.93
CA PHE A 322 4.67 -2.68 -9.78
C PHE A 322 4.59 -3.43 -8.45
N VAL A 323 3.52 -3.15 -7.68
CA VAL A 323 3.18 -3.73 -6.39
C VAL A 323 1.69 -4.10 -6.41
N GLY A 324 1.34 -5.19 -5.73
CA GLY A 324 -0.04 -5.67 -5.60
C GLY A 324 -0.32 -6.38 -4.28
N LYS A 325 -1.52 -6.13 -3.68
CA LYS A 325 -1.97 -6.74 -2.41
C LYS A 325 -2.10 -8.25 -2.54
N SER A 326 -1.87 -8.97 -1.43
CA SER A 326 -1.96 -10.42 -1.39
C SER A 326 -2.97 -10.96 -0.38
N GLY A 327 -3.20 -10.23 0.70
CA GLY A 327 -4.10 -10.71 1.74
C GLY A 327 -5.03 -9.68 2.35
N ASP A 328 -4.60 -9.12 3.49
CA ASP A 328 -5.38 -8.20 4.33
C ASP A 328 -6.57 -8.97 4.92
N SER A 329 -6.45 -9.63 6.10
CA SER A 329 -5.32 -9.71 7.05
C SER A 329 -4.93 -8.32 7.63
N GLY A 330 -3.86 -8.26 8.42
CA GLY A 330 -3.42 -7.03 9.07
C GLY A 330 -1.94 -6.76 9.09
N GLY A 331 -1.54 -5.52 8.82
CA GLY A 331 -2.44 -4.44 8.42
C GLY A 331 -2.54 -4.38 6.92
N GLY A 332 -2.62 -5.55 6.30
CA GLY A 332 -2.65 -5.78 4.87
C GLY A 332 -1.42 -6.56 4.44
N MET A 333 -1.61 -7.69 3.75
CA MET A 333 -0.48 -8.46 3.23
C MET A 333 -0.15 -7.86 1.87
N TYR A 334 1.15 -7.59 1.59
CA TYR A 334 1.53 -6.92 0.34
C TYR A 334 2.71 -7.55 -0.41
N VAL A 335 2.66 -7.50 -1.74
CA VAL A 335 3.66 -8.08 -2.65
C VAL A 335 4.20 -7.04 -3.66
N ILE A 336 5.39 -7.31 -4.22
CA ILE A 336 6.00 -6.54 -5.29
C ILE A 336 5.89 -7.39 -6.56
N ASN A 337 5.41 -6.79 -7.65
CA ASN A 337 5.26 -7.47 -8.93
C ASN A 337 6.47 -7.25 -9.83
N LEU A 338 7.51 -8.09 -9.62
CA LEU A 338 8.79 -8.05 -10.31
C LEU A 338 8.64 -8.18 -11.81
N HIS A 339 7.82 -9.16 -12.24
CA HIS A 339 7.53 -9.40 -13.64
C HIS A 339 6.96 -8.16 -14.29
N LYS A 340 5.82 -7.70 -13.76
CA LYS A 340 5.10 -6.52 -14.22
C LYS A 340 6.03 -5.32 -14.27
N ALA A 341 6.84 -5.12 -13.21
CA ALA A 341 7.79 -4.03 -13.11
C ALA A 341 8.80 -4.04 -14.28
N LEU A 342 9.42 -5.22 -14.53
CA LEU A 342 10.39 -5.39 -15.60
C LEU A 342 9.82 -5.09 -16.96
N ALA A 343 8.66 -5.69 -17.27
CA ALA A 343 7.96 -5.49 -18.53
C ALA A 343 7.75 -4.00 -18.79
N SER A 344 7.22 -3.25 -17.81
CA SER A 344 7.03 -1.80 -17.94
C SER A 344 8.34 -1.06 -18.18
N LEU A 345 9.43 -1.54 -17.57
CA LEU A 345 10.72 -0.88 -17.76
C LEU A 345 11.09 -0.98 -19.21
N ALA A 346 11.16 -2.24 -19.71
CA ALA A 346 11.45 -2.52 -21.10
C ALA A 346 10.53 -1.71 -22.00
N THR A 347 9.23 -1.65 -21.71
CA THR A 347 8.28 -0.90 -22.55
C THR A 347 8.71 0.54 -22.74
N ALA A 348 9.03 1.21 -21.63
CA ALA A 348 9.48 2.59 -21.68
C ALA A 348 10.72 2.70 -22.57
N THR A 349 11.67 1.74 -22.46
CA THR A 349 12.89 1.75 -23.28
C THR A 349 12.53 1.80 -24.74
N LEU A 350 11.57 0.96 -25.11
CA LEU A 350 11.06 0.88 -26.45
C LEU A 350 10.51 2.19 -26.89
N GLU A 351 9.74 2.86 -26.01
CA GLU A 351 9.19 4.18 -26.29
C GLU A 351 10.31 5.15 -26.68
N SER A 352 11.38 5.22 -25.86
CA SER A 352 12.52 6.09 -26.13
C SER A 352 13.21 5.75 -27.46
N VAL A 353 13.17 4.48 -27.88
CA VAL A 353 13.78 4.02 -29.14
C VAL A 353 12.96 4.45 -30.33
N VAL A 354 11.64 4.35 -30.20
CA VAL A 354 10.73 4.78 -31.24
C VAL A 354 10.99 6.25 -31.42
N GLN A 355 11.03 6.99 -30.29
CA GLN A 355 11.32 8.42 -30.26
C GLN A 355 12.75 8.69 -30.74
N GLU A 356 13.61 7.66 -30.74
CA GLU A 356 14.98 7.82 -31.20
C GLU A 356 15.06 7.83 -32.72
N ARG A 357 14.50 6.82 -33.38
CA ARG A 357 14.63 6.68 -34.82
C ARG A 357 13.41 7.07 -35.62
N PHE A 358 12.23 6.96 -35.04
CA PHE A 358 10.98 7.31 -35.71
C PHE A 358 10.32 8.51 -35.04
N GLY A 359 11.06 9.09 -34.10
CA GLY A 359 10.72 10.31 -33.38
C GLY A 359 9.46 10.37 -32.57
N SER A 360 9.23 11.55 -31.96
CA SER A 360 8.10 11.88 -31.11
C SER A 360 6.79 11.55 -31.76
N ARG A 361 6.68 11.84 -33.06
CA ARG A 361 5.49 11.57 -33.85
C ARG A 361 5.14 10.09 -33.70
N CYS A 362 6.02 9.20 -34.17
CA CYS A 362 5.80 7.76 -34.10
C CYS A 362 5.84 7.21 -32.67
N ALA A 363 6.46 7.94 -31.73
CA ALA A 363 6.59 7.52 -30.34
C ALA A 363 5.29 7.76 -29.59
N ARG A 364 4.62 8.86 -29.93
CA ARG A 364 3.33 9.24 -29.41
C ARG A 364 2.33 8.20 -29.85
N ILE A 365 2.33 7.88 -31.15
CA ILE A 365 1.43 6.88 -31.71
C ILE A 365 1.73 5.53 -31.11
N PHE A 366 3.03 5.23 -30.90
CA PHE A 366 3.47 4.01 -30.28
C PHE A 366 2.85 3.91 -28.89
N ARG A 367 2.87 5.03 -28.13
CA ARG A 367 2.31 5.10 -26.78
C ARG A 367 0.83 4.74 -26.80
N LEU A 368 0.16 5.05 -27.92
CA LEU A 368 -1.25 4.71 -28.11
C LEU A 368 -1.40 3.22 -28.48
N VAL A 369 -0.31 2.58 -28.96
CA VAL A 369 -0.30 1.15 -29.27
C VAL A 369 -0.23 0.33 -27.96
N LEU A 370 0.03 0.99 -26.83
CA LEU A 370 0.11 0.31 -25.54
C LEU A 370 -1.26 -0.13 -24.99
N GLN A 371 -2.36 0.47 -25.48
CA GLN A 371 -3.72 0.17 -25.03
C GLN A 371 -4.24 -1.18 -25.58
N LYS A 372 -4.35 -1.32 -26.93
CA LYS A 372 -4.76 -2.53 -27.65
C LYS A 372 -3.77 -2.72 -28.83
N LYS A 373 -4.13 -3.33 -30.01
CA LYS A 373 -3.27 -3.51 -31.22
C LYS A 373 -1.80 -4.03 -30.98
N HIS A 374 -0.93 -4.38 -32.00
CA HIS A 374 -1.04 -4.36 -33.48
C HIS A 374 -2.32 -4.95 -34.00
N ILE A 375 -2.55 -4.79 -35.33
CA ILE A 375 -3.68 -5.31 -36.10
C ILE A 375 -5.06 -5.17 -35.36
N GLU A 376 -6.06 -4.49 -35.96
CA GLU A 376 -6.06 -3.88 -37.29
C GLU A 376 -5.82 -2.36 -37.25
N GLN A 377 -6.07 -1.67 -38.38
CA GLN A 377 -5.91 -0.23 -38.61
C GLN A 377 -7.19 0.60 -38.36
N LYS A 378 -8.38 -0.05 -38.39
CA LYS A 378 -9.67 0.63 -38.17
C LYS A 378 -9.58 1.57 -36.98
N GLN A 379 -9.03 1.11 -35.86
CA GLN A 379 -8.88 1.86 -34.62
C GLN A 379 -7.56 2.65 -34.55
N VAL A 380 -6.61 2.33 -35.44
CA VAL A 380 -5.31 2.99 -35.52
C VAL A 380 -5.47 4.41 -36.04
N GLU A 381 -5.92 4.59 -37.31
CA GLU A 381 -6.11 5.90 -37.94
C GLU A 381 -7.09 6.75 -37.16
N ASP A 382 -8.04 6.08 -36.51
CA ASP A 382 -9.07 6.69 -35.70
C ASP A 382 -8.49 7.31 -34.43
N PHE A 383 -7.74 6.53 -33.63
CA PHE A 383 -7.12 7.04 -32.41
C PHE A 383 -5.83 7.83 -32.71
N ALA A 384 -5.42 7.86 -34.00
CA ALA A 384 -4.22 8.56 -34.45
C ALA A 384 -4.36 10.07 -34.44
N MET A 385 -5.48 10.59 -34.98
CA MET A 385 -5.82 12.01 -35.12
C MET A 385 -5.03 12.69 -36.25
N ILE A 386 -4.85 11.96 -37.36
CA ILE A 386 -4.15 12.42 -38.55
C ILE A 386 -4.77 11.76 -39.81
N PRO A 387 -4.43 12.20 -41.04
CA PRO A 387 -4.99 11.56 -42.25
C PRO A 387 -4.66 10.07 -42.37
N ALA A 388 -5.43 9.35 -43.20
CA ALA A 388 -5.33 7.90 -43.41
C ALA A 388 -3.96 7.42 -43.87
N LYS A 389 -3.51 7.88 -45.04
CA LYS A 389 -2.23 7.52 -45.68
C LYS A 389 -1.06 7.59 -44.71
N GLU A 390 -1.07 8.60 -43.82
CA GLU A 390 -0.06 8.77 -42.78
C GLU A 390 -0.08 7.61 -41.79
N ALA A 391 -1.27 7.33 -41.21
CA ALA A 391 -1.48 6.24 -40.25
C ALA A 391 -1.03 4.91 -40.84
N LYS A 392 -1.31 4.70 -42.14
CA LYS A 392 -0.91 3.50 -42.87
C LYS A 392 0.61 3.34 -42.83
N ASP A 393 1.35 4.35 -43.34
CA ASP A 393 2.82 4.35 -43.37
C ASP A 393 3.46 4.03 -42.03
N MET A 394 3.12 4.78 -40.97
CA MET A 394 3.70 4.56 -39.64
C MET A 394 3.33 3.20 -39.05
N LEU A 395 2.11 2.68 -39.33
CA LEU A 395 1.68 1.33 -38.90
C LEU A 395 2.66 0.31 -39.50
N TYR A 396 2.96 0.47 -40.82
CA TYR A 396 3.90 -0.41 -41.52
C TYR A 396 5.26 -0.36 -40.81
N LYS A 397 5.84 0.85 -40.63
CA LYS A 397 7.15 1.09 -40.00
C LYS A 397 7.32 0.46 -38.63
N MET A 398 6.27 0.46 -37.80
CA MET A 398 6.37 -0.15 -36.48
C MET A 398 6.38 -1.66 -36.57
N LEU A 399 5.43 -2.29 -37.27
CA LEU A 399 5.50 -3.75 -37.41
C LEU A 399 6.67 -4.16 -38.35
N SER A 400 7.25 -3.20 -39.12
CA SER A 400 8.33 -3.43 -40.11
C SER A 400 9.57 -4.05 -39.53
N GLU A 401 10.00 -3.56 -38.37
CA GLU A 401 11.16 -4.09 -37.68
C GLU A 401 10.69 -4.82 -36.41
N ASN A 402 9.40 -5.26 -36.41
CA ASN A 402 8.75 -5.98 -35.33
C ASN A 402 8.68 -5.18 -34.04
N PHE A 403 7.70 -4.30 -33.96
CA PHE A 403 7.51 -3.54 -32.75
C PHE A 403 6.16 -3.91 -32.23
N VAL A 426 1.08 -5.31 -30.15
CA VAL A 426 2.50 -5.31 -29.82
C VAL A 426 2.91 -6.62 -29.19
N ASN A 427 4.08 -7.14 -29.59
CA ASN A 427 4.59 -8.35 -28.99
C ASN A 427 5.75 -7.98 -28.08
N ILE A 428 5.51 -8.05 -26.77
CA ILE A 428 6.44 -7.68 -25.70
C ILE A 428 7.79 -8.42 -25.77
N LEU A 429 7.87 -9.62 -25.20
CA LEU A 429 9.07 -10.44 -25.12
C LEU A 429 9.77 -10.55 -26.45
N SER A 430 9.01 -10.82 -27.50
CA SER A 430 9.51 -10.96 -28.85
C SER A 430 10.42 -9.80 -29.22
N ALA A 431 9.83 -8.58 -29.29
CA ALA A 431 10.57 -7.36 -29.62
C ALA A 431 11.71 -7.13 -28.68
N ALA A 432 11.57 -7.58 -27.43
CA ALA A 432 12.61 -7.47 -26.42
C ALA A 432 13.87 -8.21 -26.88
N ARG A 433 13.74 -9.51 -27.17
CA ARG A 433 14.83 -10.37 -27.64
C ARG A 433 15.46 -9.82 -28.92
N MET A 434 14.62 -9.25 -29.81
CA MET A 434 15.10 -8.69 -31.08
C MET A 434 16.01 -7.53 -30.78
N LEU A 435 15.48 -6.59 -29.98
CA LEU A 435 16.19 -5.44 -29.48
C LEU A 435 17.53 -5.85 -28.91
N LEU A 436 17.54 -6.89 -28.07
CA LEU A 436 18.73 -7.44 -27.42
C LEU A 436 19.83 -7.66 -28.44
N HIS A 437 19.49 -8.34 -29.53
CA HIS A 437 20.49 -8.58 -30.55
C HIS A 437 21.01 -7.28 -31.14
N ARG A 438 20.09 -6.35 -31.47
CA ARG A 438 20.43 -5.02 -32.01
C ARG A 438 21.46 -4.35 -31.10
N CYS A 439 21.34 -4.57 -29.78
CA CYS A 439 22.29 -4.03 -28.80
C CYS A 439 23.66 -4.55 -29.14
N TYR A 440 23.81 -5.88 -29.10
CA TYR A 440 25.06 -6.58 -29.38
C TYR A 440 25.72 -6.08 -30.64
N LYS A 441 24.93 -5.85 -31.67
CA LYS A 441 25.39 -5.31 -32.94
C LYS A 441 26.05 -3.93 -32.73
N SER A 442 25.30 -2.99 -32.14
CA SER A 442 25.79 -1.63 -31.86
C SER A 442 27.11 -1.67 -31.12
N ILE A 443 27.21 -2.56 -30.13
CA ILE A 443 28.42 -2.74 -29.34
C ILE A 443 29.58 -3.08 -30.24
N ALA A 444 29.40 -4.08 -31.12
CA ALA A 444 30.43 -4.49 -32.05
C ALA A 444 30.98 -3.25 -32.73
N ASN A 445 30.10 -2.40 -33.27
CA ASN A 445 30.48 -1.13 -33.90
C ASN A 445 31.38 -0.31 -33.00
N LEU A 446 30.96 -0.13 -31.75
CA LEU A 446 31.67 0.68 -30.76
C LEU A 446 33.10 0.26 -30.59
N ILE A 447 33.30 -1.00 -30.18
CA ILE A 447 34.62 -1.57 -29.97
C ILE A 447 35.44 -1.42 -31.23
N GLU A 448 34.87 -1.79 -32.39
CA GLU A 448 35.48 -1.70 -33.72
C GLU A 448 36.15 -0.35 -33.89
N ARG A 449 35.38 0.74 -33.69
CA ARG A 449 35.84 2.10 -33.85
C ARG A 449 36.89 2.46 -32.83
N ARG A 450 36.72 2.06 -31.56
CA ARG A 450 37.74 2.33 -30.54
C ARG A 450 39.07 1.67 -30.93
N GLN A 451 39.01 0.35 -31.14
CA GLN A 451 40.11 -0.50 -31.55
C GLN A 451 40.87 0.10 -32.73
N PHE A 452 40.14 0.47 -33.79
CA PHE A 452 40.68 1.02 -35.01
C PHE A 452 41.28 2.40 -34.82
N GLU A 453 40.66 3.24 -33.98
CA GLU A 453 41.15 4.58 -33.72
C GLU A 453 42.53 4.55 -33.07
N THR A 454 42.77 3.61 -32.14
CA THR A 454 44.11 3.50 -31.51
C THR A 454 45.06 2.83 -32.49
N LYS A 455 44.47 1.96 -33.35
CA LYS A 455 45.15 1.16 -34.38
C LYS A 455 45.83 2.05 -35.40
N GLU A 456 45.05 2.77 -36.23
CA GLU A 456 45.59 3.66 -37.26
C GLU A 456 46.29 4.88 -36.64
N ASN A 457 45.97 5.23 -35.38
CA ASN A 457 46.62 6.35 -34.73
C ASN A 457 47.74 5.90 -33.78
N LYS A 458 48.24 4.67 -34.01
CA LYS A 458 49.34 4.08 -33.25
C LYS A 458 50.55 4.98 -33.27
N ARG A 459 50.95 5.49 -34.46
CA ARG A 459 52.07 6.41 -34.62
C ARG A 459 51.65 7.84 -34.31
N LEU A 460 51.39 8.09 -33.03
CA LEU A 460 50.98 9.34 -32.39
C LEU A 460 50.96 9.03 -30.90
N LEU A 461 50.59 7.79 -30.55
CA LEU A 461 50.54 7.30 -29.18
C LEU A 461 51.89 7.55 -28.47
N GLU A 462 52.95 6.93 -28.99
CA GLU A 462 54.30 7.04 -28.43
C GLU A 462 54.91 8.43 -28.57
N LYS A 463 54.64 9.14 -29.68
CA LYS A 463 55.13 10.51 -29.89
C LYS A 463 54.70 11.38 -28.71
N SER A 464 53.47 11.16 -28.23
CA SER A 464 52.93 11.86 -27.07
C SER A 464 53.69 11.43 -25.81
N GLN A 465 53.91 10.12 -25.67
CA GLN A 465 54.62 9.52 -24.54
C GLN A 465 55.98 10.16 -24.30
N ARG A 466 56.81 10.24 -25.36
CA ARG A 466 58.14 10.84 -25.24
C ARG A 466 58.01 12.26 -24.77
N VAL A 467 57.11 13.04 -25.39
CA VAL A 467 56.90 14.46 -25.07
C VAL A 467 56.83 14.62 -23.58
N GLU A 468 56.01 13.77 -22.95
CA GLU A 468 55.82 13.81 -21.51
C GLU A 468 57.11 13.39 -20.78
N ALA A 469 57.84 12.42 -21.31
CA ALA A 469 59.09 11.92 -20.73
C ALA A 469 60.27 12.92 -20.86
N ILE A 470 59.98 14.14 -21.37
CA ILE A 470 60.95 15.22 -21.57
C ILE A 470 60.79 16.30 -20.50
N ILE A 471 59.60 16.38 -19.88
CA ILE A 471 59.33 17.31 -18.80
C ILE A 471 59.42 16.52 -17.46
N ALA A 472 59.84 15.23 -17.57
CA ALA A 472 60.05 14.27 -16.47
C ALA A 472 61.31 14.65 -15.67
N SER A 473 62.36 15.01 -16.46
CA SER A 473 63.65 15.53 -16.10
C SER A 473 63.79 17.02 -16.51
N MET A 474 62.72 17.80 -16.33
CA MET A 474 62.73 19.22 -16.67
C MET A 474 62.07 20.09 -15.59
N GLN A 475 60.78 19.87 -15.21
CA GLN A 475 60.10 20.67 -14.16
C GLN A 475 60.90 20.82 -12.88
N ALA A 476 61.73 19.80 -12.58
CA ALA A 476 62.56 19.81 -11.39
C ALA A 476 64.02 20.16 -11.73
N THR A 477 64.60 19.45 -12.71
CA THR A 477 65.98 19.65 -13.22
C THR A 477 65.94 20.40 -14.54
N GLY A 478 66.36 21.68 -14.57
CA GLY A 478 66.38 22.51 -15.77
C GLY A 478 64.98 22.80 -16.27
N ALA A 479 64.18 23.53 -15.43
CA ALA A 479 62.79 23.92 -15.65
C ALA A 479 62.54 24.73 -16.94
N GLU A 480 63.57 24.81 -17.78
CA GLU A 480 63.66 25.47 -19.06
C GLU A 480 62.34 25.54 -19.88
N GLU A 481 61.82 26.78 -19.90
CA GLU A 481 60.64 27.28 -20.62
C GLU A 481 60.83 27.16 -22.14
N ALA A 482 62.05 27.46 -22.65
CA ALA A 482 62.35 27.36 -24.06
C ALA A 482 62.31 25.90 -24.46
N GLN A 483 62.79 24.99 -23.58
CA GLN A 483 62.73 23.54 -23.80
C GLN A 483 61.26 23.13 -23.93
N LEU A 484 60.41 23.72 -23.08
CA LEU A 484 58.98 23.48 -23.12
C LEU A 484 58.41 23.91 -24.47
N GLN A 485 58.87 25.06 -25.03
CA GLN A 485 58.43 25.52 -26.36
C GLN A 485 58.86 24.55 -27.44
N GLU A 486 60.08 23.98 -27.31
CA GLU A 486 60.60 23.00 -28.25
C GLU A 486 59.70 21.80 -28.24
N ILE A 487 59.28 21.36 -27.03
CA ILE A 487 58.30 20.30 -26.84
C ILE A 487 57.04 20.69 -27.61
N GLU A 488 56.59 21.95 -27.48
CA GLU A 488 55.40 22.45 -28.15
C GLU A 488 55.55 22.46 -29.68
N GLU A 489 56.78 22.65 -30.18
CA GLU A 489 57.05 22.71 -31.61
C GLU A 489 57.15 21.33 -32.26
N MET A 490 57.31 20.28 -31.46
CA MET A 490 57.36 18.89 -31.92
C MET A 490 55.97 18.50 -32.36
N ILE A 491 54.99 18.64 -31.43
CA ILE A 491 53.58 18.36 -31.64
C ILE A 491 52.94 19.50 -32.38
N THR A 492 53.03 19.49 -33.72
CA THR A 492 52.42 20.50 -34.56
C THR A 492 50.91 20.49 -34.32
N ALA A 493 50.26 21.55 -34.78
CA ALA A 493 48.83 21.76 -34.62
C ALA A 493 47.93 20.57 -35.00
N PRO A 494 48.01 19.99 -36.22
CA PRO A 494 47.04 18.94 -36.58
C PRO A 494 47.16 17.66 -35.80
N GLU A 495 48.38 17.25 -35.47
CA GLU A 495 48.64 16.01 -34.74
C GLU A 495 47.96 16.07 -33.41
N ARG A 496 48.10 17.21 -32.72
CA ARG A 496 47.45 17.33 -31.43
C ARG A 496 45.94 17.55 -31.57
N GLN A 497 45.49 18.26 -32.64
CA GLN A 497 44.06 18.42 -32.84
C GLN A 497 43.43 17.06 -33.08
N GLN A 498 44.15 16.16 -33.75
CA GLN A 498 43.74 14.79 -33.96
C GLN A 498 43.76 14.01 -32.67
N LEU A 499 44.71 14.28 -31.76
CA LEU A 499 44.74 13.61 -30.46
C LEU A 499 43.45 13.92 -29.71
N GLU A 500 43.04 15.18 -29.79
CA GLU A 500 41.79 15.66 -29.19
C GLU A 500 40.61 15.04 -29.87
N THR A 501 40.65 15.00 -31.22
CA THR A 501 39.56 14.43 -32.01
C THR A 501 39.36 12.97 -31.64
N LEU A 502 40.46 12.20 -31.64
CA LEU A 502 40.46 10.79 -31.31
C LEU A 502 40.02 10.55 -29.90
N LYS A 503 40.57 11.31 -28.97
CA LYS A 503 40.26 11.23 -27.56
C LYS A 503 38.76 11.44 -27.37
N ARG A 504 38.21 12.49 -28.00
CA ARG A 504 36.77 12.77 -27.92
C ARG A 504 35.97 11.65 -28.51
N ASN A 505 36.48 11.05 -29.60
CA ASN A 505 35.78 9.94 -30.23
C ASN A 505 35.83 8.72 -29.34
N VAL A 506 36.97 8.51 -28.67
CA VAL A 506 37.16 7.45 -27.68
C VAL A 506 36.05 7.60 -26.62
N ASN A 507 35.74 8.85 -26.24
CA ASN A 507 34.68 9.15 -25.29
C ASN A 507 33.30 8.78 -25.81
N LYS A 508 32.88 9.39 -26.94
CA LYS A 508 31.58 9.14 -27.59
C LYS A 508 31.26 7.68 -27.51
N LEU A 509 32.29 6.85 -27.74
CA LEU A 509 32.22 5.40 -27.68
C LEU A 509 32.02 4.96 -26.24
N ASP A 510 33.03 5.19 -25.37
CA ASP A 510 33.02 4.82 -23.96
C ASP A 510 31.68 5.06 -23.26
N ALA A 511 31.04 6.19 -23.57
CA ALA A 511 29.77 6.61 -23.00
C ALA A 511 28.63 5.78 -23.53
N SER A 512 28.51 5.73 -24.85
CA SER A 512 27.50 4.94 -25.54
C SER A 512 27.58 3.53 -24.97
N GLU A 513 28.81 2.99 -24.87
CA GLU A 513 29.11 1.68 -24.30
C GLU A 513 28.37 1.46 -22.99
N ILE A 514 28.62 2.34 -22.00
CA ILE A 514 27.98 2.30 -20.69
C ILE A 514 26.47 2.25 -20.84
N GLN A 515 25.90 3.21 -21.55
CA GLN A 515 24.47 3.32 -21.77
C GLN A 515 23.90 1.96 -22.17
N VAL A 516 24.43 1.39 -23.24
CA VAL A 516 24.00 0.10 -23.76
C VAL A 516 24.09 -0.94 -22.68
N ASP A 517 25.15 -0.92 -21.88
CA ASP A 517 25.32 -1.90 -20.82
C ASP A 517 24.07 -1.96 -19.95
N GLU A 518 23.69 -0.82 -19.35
CA GLU A 518 22.53 -0.76 -18.47
C GLU A 518 21.35 -1.33 -19.19
N THR A 519 21.14 -0.89 -20.44
CA THR A 519 20.06 -1.36 -21.29
C THR A 519 20.03 -2.88 -21.36
N ILE A 520 21.21 -3.49 -21.60
CA ILE A 520 21.35 -4.95 -21.72
C ILE A 520 20.97 -5.63 -20.45
N PHE A 521 21.46 -5.12 -19.32
CA PHE A 521 21.12 -5.71 -18.04
C PHE A 521 19.63 -5.87 -17.93
N LEU A 522 18.89 -4.80 -18.25
CA LEU A 522 17.43 -4.79 -18.23
C LEU A 522 16.90 -5.91 -19.06
N LEU A 523 17.10 -5.82 -20.38
CA LEU A 523 16.58 -6.79 -21.33
C LEU A 523 16.77 -8.21 -20.89
N GLU A 524 18.04 -8.60 -20.67
CA GLU A 524 18.39 -9.94 -20.21
C GLU A 524 17.66 -10.30 -18.92
N SER A 525 17.57 -9.35 -17.99
CA SER A 525 16.84 -9.59 -16.75
C SER A 525 15.35 -9.81 -16.99
N TYR A 526 14.78 -9.23 -18.05
CA TYR A 526 13.39 -9.49 -18.37
C TYR A 526 13.27 -10.87 -18.99
N ILE A 527 14.23 -11.19 -19.86
CA ILE A 527 14.31 -12.45 -20.60
C ILE A 527 14.35 -13.60 -19.62
N GLU A 528 15.17 -13.43 -18.57
CA GLU A 528 15.32 -14.42 -17.52
C GLU A 528 14.09 -14.41 -16.61
N CYS A 529 13.43 -13.24 -16.48
CA CYS A 529 12.22 -13.11 -15.67
C CYS A 529 11.08 -13.89 -16.30
N THR A 530 10.99 -13.84 -17.63
CA THR A 530 9.98 -14.57 -18.39
C THR A 530 10.26 -16.07 -18.37
N MET A 531 11.33 -16.46 -17.69
CA MET A 531 11.69 -17.86 -17.51
C MET A 531 11.10 -18.35 -16.18
N LYS A 532 9.79 -18.56 -16.17
CA LYS A 532 9.09 -19.09 -15.01
C LYS A 532 8.58 -20.49 -15.35
N MET B 1 -44.03 4.80 1.84
CA MET B 1 -44.00 4.94 3.29
C MET B 1 -42.58 4.81 3.90
N THR B 2 -41.73 3.78 3.56
CA THR B 2 -41.91 2.69 2.59
C THR B 2 -42.44 1.40 3.19
N GLN B 3 -42.52 0.34 2.38
CA GLN B 3 -43.00 -0.98 2.83
C GLN B 3 -42.16 -1.47 3.98
N ALA B 4 -40.84 -1.44 3.81
CA ALA B 4 -39.89 -1.87 4.82
C ALA B 4 -40.02 -1.03 6.09
N GLU B 5 -40.36 0.28 5.96
CA GLU B 5 -40.56 1.17 7.10
C GLU B 5 -41.69 0.63 7.95
N ILE B 6 -42.82 0.29 7.30
CA ILE B 6 -44.00 -0.28 7.96
C ILE B 6 -43.62 -1.58 8.63
N LYS B 7 -43.15 -2.55 7.84
CA LYS B 7 -42.70 -3.88 8.26
C LYS B 7 -41.83 -3.79 9.52
N LEU B 8 -40.91 -2.82 9.52
CA LEU B 8 -39.97 -2.56 10.60
C LEU B 8 -40.68 -2.11 11.85
N CYS B 9 -41.62 -1.14 11.70
CA CYS B 9 -42.46 -0.63 12.79
C CYS B 9 -43.13 -1.81 13.49
N SER B 10 -43.80 -2.67 12.68
CA SER B 10 -44.52 -3.86 13.13
C SER B 10 -43.65 -4.69 14.05
N LEU B 11 -42.49 -5.10 13.53
CA LEU B 11 -41.55 -5.94 14.23
C LEU B 11 -41.19 -5.29 15.56
N LEU B 12 -40.96 -3.96 15.56
CA LEU B 12 -40.63 -3.18 16.75
C LEU B 12 -41.63 -3.39 17.87
N LEU B 13 -42.88 -3.02 17.60
CA LEU B 13 -43.97 -3.13 18.55
C LEU B 13 -44.16 -4.55 19.03
N GLN B 14 -44.01 -5.49 18.09
CA GLN B 14 -44.11 -6.90 18.40
C GLN B 14 -43.11 -7.28 19.48
N GLU B 15 -41.84 -6.91 19.31
CA GLU B 15 -40.80 -7.23 20.29
C GLU B 15 -41.08 -6.60 21.65
N HIS B 16 -41.52 -5.34 21.68
CA HIS B 16 -41.68 -4.68 22.96
C HIS B 16 -42.98 -4.95 23.70
N PHE B 17 -44.14 -5.05 23.02
CA PHE B 17 -45.39 -5.12 23.78
C PHE B 17 -46.29 -6.33 23.51
N GLY B 18 -46.37 -6.74 22.25
CA GLY B 18 -47.22 -7.85 21.86
C GLY B 18 -47.90 -7.69 20.52
N GLU B 19 -48.70 -8.71 20.16
CA GLU B 19 -49.48 -8.84 18.92
C GLU B 19 -50.56 -7.76 18.83
N ILE B 20 -51.17 -7.42 20.00
CA ILE B 20 -52.22 -6.41 20.16
C ILE B 20 -51.78 -5.03 19.69
N VAL B 21 -50.66 -4.53 20.26
CA VAL B 21 -50.11 -3.22 19.97
C VAL B 21 -49.66 -3.12 18.51
N GLU B 22 -49.18 -4.26 17.97
CA GLU B 22 -48.69 -4.38 16.60
C GLU B 22 -49.80 -4.23 15.58
N LYS B 23 -50.82 -5.10 15.67
CA LYS B 23 -52.00 -5.12 14.80
C LYS B 23 -52.54 -3.71 14.57
N ILE B 24 -52.88 -3.04 15.68
CA ILE B 24 -53.46 -1.69 15.74
C ILE B 24 -52.48 -0.64 15.26
N GLY B 25 -51.25 -0.70 15.77
CA GLY B 25 -50.19 0.21 15.35
C GLY B 25 -50.13 0.19 13.84
N VAL B 26 -49.93 -1.01 13.26
CA VAL B 26 -49.89 -1.28 11.82
C VAL B 26 -51.05 -0.60 11.15
N HIS B 27 -52.25 -0.74 11.71
CA HIS B 27 -53.45 -0.13 11.17
C HIS B 27 -53.44 1.40 11.24
N LEU B 28 -52.89 1.99 12.31
CA LEU B 28 -52.82 3.44 12.50
C LEU B 28 -51.88 4.09 11.51
N ILE B 29 -50.85 3.33 11.07
CA ILE B 29 -49.91 3.82 10.06
C ILE B 29 -50.57 3.65 8.69
N ARG B 30 -51.08 2.42 8.43
CA ARG B 30 -51.72 2.02 7.18
C ARG B 30 -52.86 2.92 6.76
N THR B 31 -53.74 3.31 7.71
CA THR B 31 -54.94 4.11 7.41
C THR B 31 -54.93 5.56 7.96
N GLY B 32 -53.78 6.08 8.39
CA GLY B 32 -53.67 7.44 8.93
C GLY B 32 -54.46 7.69 10.18
N SER B 33 -55.24 8.80 10.22
CA SER B 33 -56.07 9.20 11.36
C SER B 33 -57.41 8.46 11.40
N GLN B 34 -57.75 7.84 12.55
CA GLN B 34 -58.95 7.01 12.70
C GLN B 34 -59.55 6.93 14.12
N PRO B 35 -60.90 7.03 14.27
CA PRO B 35 -61.47 6.91 15.63
C PRO B 35 -61.37 5.49 16.16
N LEU B 36 -61.55 5.30 17.49
CA LEU B 36 -61.50 4.02 18.19
C LEU B 36 -62.37 2.93 17.54
N ARG B 37 -63.53 3.34 17.01
CA ARG B 37 -64.58 2.51 16.43
C ARG B 37 -64.23 1.94 15.07
N VAL B 38 -63.78 2.81 14.14
CA VAL B 38 -63.40 2.41 12.78
C VAL B 38 -62.19 1.46 12.86
N ILE B 39 -61.31 1.67 13.87
CA ILE B 39 -60.17 0.78 14.13
C ILE B 39 -60.69 -0.57 14.56
N ALA B 40 -61.59 -0.61 15.55
CA ALA B 40 -62.17 -1.86 16.01
C ALA B 40 -63.08 -2.53 14.98
N HIS B 41 -63.36 -1.86 13.87
CA HIS B 41 -64.23 -2.44 12.85
C HIS B 41 -63.46 -3.00 11.67
N ASP B 42 -62.48 -2.25 11.18
CA ASP B 42 -61.64 -2.64 10.05
C ASP B 42 -60.67 -3.74 10.42
N THR B 43 -60.21 -3.76 11.69
CA THR B 43 -59.28 -4.78 12.20
C THR B 43 -59.93 -6.13 12.42
N GLY B 44 -61.24 -6.13 12.67
CA GLY B 44 -61.99 -7.33 13.04
C GLY B 44 -61.56 -7.69 14.46
N THR B 45 -61.37 -6.66 15.30
CA THR B 45 -60.93 -6.76 16.68
C THR B 45 -61.86 -5.90 17.51
N SER B 46 -62.24 -6.40 18.69
CA SER B 46 -63.12 -5.71 19.63
C SER B 46 -62.58 -4.33 20.05
N LEU B 47 -63.37 -3.56 20.84
CA LEU B 47 -63.01 -2.22 21.30
C LEU B 47 -62.19 -2.20 22.60
N ASP B 48 -62.27 -3.25 23.46
CA ASP B 48 -61.49 -3.34 24.70
C ASP B 48 -60.04 -3.72 24.33
N GLN B 49 -59.87 -4.66 23.36
CA GLN B 49 -58.58 -5.07 22.81
C GLN B 49 -57.88 -3.88 22.14
N VAL B 50 -58.67 -3.08 21.38
CA VAL B 50 -58.25 -1.84 20.72
C VAL B 50 -57.77 -0.85 21.82
N LYS B 51 -58.59 -0.65 22.86
CA LYS B 51 -58.30 0.26 23.97
C LYS B 51 -57.01 -0.10 24.72
N LYS B 52 -56.76 -1.41 24.95
CA LYS B 52 -55.54 -1.92 25.62
C LYS B 52 -54.28 -1.61 24.80
N ALA B 53 -54.35 -1.85 23.48
CA ALA B 53 -53.25 -1.60 22.55
C ALA B 53 -52.85 -0.12 22.51
N LEU B 54 -53.86 0.78 22.43
CA LEU B 54 -53.67 2.24 22.43
C LEU B 54 -53.01 2.72 23.70
N CYS B 55 -53.28 2.05 24.85
CA CYS B 55 -52.68 2.38 26.16
C CYS B 55 -51.16 2.33 26.08
N VAL B 56 -50.59 1.15 25.74
CA VAL B 56 -49.15 0.99 25.63
C VAL B 56 -48.59 1.90 24.54
N LEU B 57 -49.41 2.26 23.54
CA LEU B 57 -48.99 3.15 22.48
C LEU B 57 -48.70 4.58 22.96
N VAL B 58 -49.71 5.29 23.48
CA VAL B 58 -49.58 6.68 23.90
C VAL B 58 -48.72 6.85 25.16
N GLN B 59 -48.88 5.96 26.16
CA GLN B 59 -48.12 6.00 27.42
C GLN B 59 -46.63 6.06 27.13
N HIS B 60 -46.23 5.29 26.12
CA HIS B 60 -44.86 5.13 25.68
C HIS B 60 -44.46 6.29 24.74
N ASN B 61 -45.38 7.27 24.53
CA ASN B 61 -45.28 8.55 23.81
C ASN B 61 -45.40 8.50 22.26
N LEU B 62 -45.80 7.36 21.66
CA LEU B 62 -45.82 7.21 20.19
C LEU B 62 -47.12 7.65 19.48
N VAL B 63 -48.29 7.10 19.84
CA VAL B 63 -49.53 7.42 19.14
C VAL B 63 -50.10 8.75 19.60
N SER B 64 -50.70 9.46 18.65
CA SER B 64 -51.37 10.74 18.84
C SER B 64 -52.88 10.57 18.80
N TYR B 65 -53.59 11.43 19.52
CA TYR B 65 -55.04 11.44 19.46
C TYR B 65 -55.57 12.86 19.44
N GLN B 66 -56.45 13.13 18.50
CA GLN B 66 -57.10 14.43 18.34
C GLN B 66 -58.58 14.27 18.05
N VAL B 67 -59.37 15.26 18.50
CA VAL B 67 -60.81 15.29 18.27
C VAL B 67 -61.03 15.93 16.89
N HIS B 68 -61.48 15.10 15.94
CA HIS B 68 -61.73 15.49 14.56
C HIS B 68 -63.21 15.79 14.28
N LYS B 69 -63.46 16.51 13.18
CA LYS B 69 -64.73 16.96 12.60
C LYS B 69 -65.97 16.83 13.51
N ARG B 70 -66.62 15.64 13.52
CA ARG B 70 -67.85 15.37 14.25
C ARG B 70 -67.63 15.01 15.73
N GLY B 71 -66.69 15.70 16.38
CA GLY B 71 -66.34 15.50 17.79
C GLY B 71 -65.88 14.10 18.12
N VAL B 72 -65.37 13.38 17.12
CA VAL B 72 -64.93 12.00 17.30
C VAL B 72 -63.46 11.92 17.66
N VAL B 73 -63.15 11.21 18.76
CA VAL B 73 -61.77 11.02 19.19
C VAL B 73 -61.09 10.11 18.19
N GLU B 74 -60.28 10.72 17.34
CA GLU B 74 -59.51 10.03 16.31
C GLU B 74 -58.09 9.81 16.77
N TYR B 75 -57.46 8.77 16.23
CA TYR B 75 -56.17 8.27 16.65
C TYR B 75 -55.21 8.12 15.48
N GLU B 76 -53.90 8.23 15.76
CA GLU B 76 -52.93 8.22 14.68
C GLU B 76 -51.55 7.82 15.14
N ALA B 77 -50.83 7.08 14.30
CA ALA B 77 -49.46 6.71 14.59
C ALA B 77 -48.53 7.65 13.82
N GLN B 78 -47.25 7.76 14.26
CA GLN B 78 -46.24 8.62 13.65
C GLN B 78 -45.02 7.72 13.40
N CYS B 79 -44.75 7.41 12.11
CA CYS B 79 -43.73 6.47 11.66
C CYS B 79 -42.32 6.72 12.19
N SER B 80 -41.79 7.96 12.06
CA SER B 80 -40.45 8.31 12.55
C SER B 80 -40.31 7.97 14.03
N ARG B 81 -41.33 8.35 14.82
CA ARG B 81 -41.38 8.11 16.24
C ARG B 81 -41.24 6.64 16.56
N VAL B 82 -41.80 5.76 15.73
CA VAL B 82 -41.70 4.31 15.90
C VAL B 82 -40.25 3.88 15.75
N LEU B 83 -39.61 4.35 14.68
CA LEU B 83 -38.25 3.98 14.33
C LEU B 83 -37.21 4.44 15.31
N ARG B 84 -37.53 5.46 16.12
CA ARG B 84 -36.56 5.92 17.08
C ARG B 84 -36.26 4.88 18.12
N MET B 85 -37.19 3.90 18.30
CA MET B 85 -37.04 2.76 19.20
C MET B 85 -35.75 1.98 18.90
N LEU B 86 -35.15 2.23 17.73
CA LEU B 86 -33.94 1.56 17.32
C LEU B 86 -32.70 2.13 18.02
N ARG B 87 -32.56 3.45 18.03
CA ARG B 87 -31.42 4.14 18.65
C ARG B 87 -31.46 4.06 20.16
N TYR B 88 -32.64 3.75 20.70
CA TYR B 88 -32.91 3.63 22.13
C TYR B 88 -31.70 3.14 22.94
N PRO B 89 -31.07 1.97 22.65
CA PRO B 89 -29.92 1.56 23.45
C PRO B 89 -28.75 2.51 23.39
N ARG B 90 -28.41 3.01 22.19
CA ARG B 90 -27.27 3.89 22.05
C ARG B 90 -27.50 5.16 22.84
N TYR B 91 -28.75 5.67 22.78
CA TYR B 91 -29.17 6.84 23.56
C TYR B 91 -28.82 6.51 25.00
N ILE B 92 -29.29 5.36 25.49
CA ILE B 92 -29.05 4.90 26.84
C ILE B 92 -27.58 4.86 27.20
N TYR B 93 -26.79 4.08 26.45
CA TYR B 93 -25.40 3.84 26.80
C TYR B 93 -24.55 5.10 26.78
N THR B 94 -24.88 6.03 25.89
CA THR B 94 -24.16 7.29 25.83
C THR B 94 -24.44 8.04 27.10
N THR B 95 -25.69 7.94 27.58
CA THR B 95 -26.06 8.55 28.84
C THR B 95 -25.26 7.90 29.97
N LYS B 96 -25.11 6.57 29.93
CA LYS B 96 -24.31 5.83 30.92
C LYS B 96 -22.93 6.44 30.94
N THR B 97 -22.41 6.64 29.75
CA THR B 97 -21.10 7.22 29.54
C THR B 97 -20.99 8.59 30.22
N LEU B 98 -21.90 9.51 29.91
CA LEU B 98 -21.84 10.92 30.31
C LEU B 98 -22.16 11.22 31.80
N TYR B 99 -23.27 10.69 32.33
CA TYR B 99 -23.63 11.00 33.70
C TYR B 99 -23.76 9.74 34.53
N SER B 100 -22.76 8.85 34.37
CA SER B 100 -22.62 7.57 35.05
C SER B 100 -23.85 6.67 34.92
N ASP B 101 -23.86 5.58 35.68
CA ASP B 101 -24.88 4.56 35.70
C ASP B 101 -26.16 5.09 36.30
N THR B 102 -26.02 6.05 37.21
CA THR B 102 -27.13 6.77 37.80
C THR B 102 -27.97 7.27 36.63
N GLY B 103 -27.35 8.03 35.74
CA GLY B 103 -27.99 8.53 34.53
C GLY B 103 -28.55 7.38 33.73
N GLU B 104 -27.70 6.36 33.42
CA GLU B 104 -28.09 5.15 32.67
C GLU B 104 -29.47 4.66 33.04
N LEU B 105 -29.75 4.57 34.34
CA LEU B 105 -31.02 4.05 34.80
C LEU B 105 -32.17 5.01 34.59
N ILE B 106 -31.95 6.31 34.89
CA ILE B 106 -32.97 7.35 34.73
C ILE B 106 -33.61 7.21 33.38
N VAL B 107 -32.81 7.38 32.33
CA VAL B 107 -33.23 7.29 30.95
C VAL B 107 -33.88 5.94 30.70
N GLU B 108 -33.19 4.87 31.11
CA GLU B 108 -33.61 3.48 30.92
C GLU B 108 -35.10 3.27 31.06
N GLU B 109 -35.70 3.82 32.13
CA GLU B 109 -37.12 3.66 32.40
C GLU B 109 -37.98 4.70 31.71
N LEU B 110 -37.50 5.95 31.58
CA LEU B 110 -38.23 7.05 30.93
C LEU B 110 -38.70 6.72 29.50
N LEU B 111 -38.06 5.73 28.87
CA LEU B 111 -38.45 5.27 27.55
C LEU B 111 -39.34 4.06 27.69
N LEU B 112 -38.89 3.05 28.45
CA LEU B 112 -39.60 1.78 28.61
C LEU B 112 -40.91 1.85 29.40
N ASN B 113 -41.13 2.90 30.19
CA ASN B 113 -42.39 3.17 30.87
C ASN B 113 -42.95 4.46 30.27
N GLY B 114 -42.20 5.07 29.34
CA GLY B 114 -42.56 6.30 28.66
C GLY B 114 -42.73 7.49 29.57
N LYS B 115 -43.98 7.98 29.69
CA LYS B 115 -44.35 9.09 30.55
C LYS B 115 -44.25 8.73 32.05
N LEU B 116 -43.34 9.39 32.79
CA LEU B 116 -43.11 9.22 34.22
C LEU B 116 -42.73 10.57 34.82
N THR B 117 -43.31 10.92 35.98
CA THR B 117 -43.00 12.18 36.66
C THR B 117 -41.58 12.12 37.21
N MET B 118 -41.07 13.26 37.70
CA MET B 118 -39.72 13.41 38.29
C MET B 118 -39.50 12.39 39.42
N SER B 119 -40.27 12.57 40.51
CA SER B 119 -40.25 11.78 41.73
C SER B 119 -40.25 10.28 41.48
N ALA B 120 -41.28 9.78 40.73
CA ALA B 120 -41.47 8.37 40.42
C ALA B 120 -40.16 7.77 39.94
N VAL B 121 -39.52 8.42 38.96
CA VAL B 121 -38.24 8.01 38.42
C VAL B 121 -37.18 7.99 39.53
N VAL B 122 -37.01 9.13 40.23
CA VAL B 122 -36.00 9.31 41.27
C VAL B 122 -35.96 8.16 42.26
N LYS B 123 -37.10 7.88 42.90
CA LYS B 123 -37.10 6.78 43.84
C LYS B 123 -36.98 5.44 43.16
N LYS B 124 -37.70 5.25 42.03
CA LYS B 124 -37.68 4.00 41.25
C LYS B 124 -36.25 3.52 41.07
N VAL B 125 -35.40 4.44 40.61
CA VAL B 125 -33.98 4.23 40.36
C VAL B 125 -33.15 4.10 41.63
N ALA B 126 -33.37 4.97 42.63
CA ALA B 126 -32.60 4.94 43.88
C ALA B 126 -32.64 3.54 44.48
N ASP B 127 -33.86 2.94 44.54
CA ASP B 127 -34.06 1.56 45.03
C ASP B 127 -33.47 0.57 44.03
N ARG B 128 -33.64 0.85 42.73
CA ARG B 128 -33.10 0.00 41.66
C ARG B 128 -31.57 0.09 41.62
N LEU B 129 -31.00 0.95 42.47
CA LEU B 129 -29.57 1.18 42.60
C LEU B 129 -29.11 0.83 44.00
N THR B 130 -30.05 0.60 44.93
CA THR B 130 -29.72 0.18 46.28
C THR B 130 -29.63 -1.34 46.26
N GLU B 131 -30.33 -1.96 45.31
CA GLU B 131 -30.36 -3.40 45.08
C GLU B 131 -29.04 -3.85 44.46
N THR B 132 -28.34 -2.90 43.84
CA THR B 132 -27.07 -3.13 43.17
C THR B 132 -25.92 -2.81 44.12
N MET B 133 -26.08 -1.75 44.95
CA MET B 133 -25.10 -1.29 45.94
C MET B 133 -24.77 -2.38 46.94
N GLU B 134 -23.50 -2.46 47.41
CA GLU B 134 -23.10 -3.46 48.39
C GLU B 134 -24.00 -3.31 49.59
N ASP B 135 -24.90 -4.29 49.79
CA ASP B 135 -25.92 -4.39 50.84
C ASP B 135 -25.79 -3.29 51.91
N GLY B 136 -26.42 -2.15 51.67
CA GLY B 136 -26.35 -1.00 52.55
C GLY B 136 -25.80 0.23 51.87
N LYS B 137 -25.42 1.25 52.68
CA LYS B 137 -24.95 2.58 52.26
C LYS B 137 -26.09 3.35 51.60
N THR B 138 -26.92 2.63 50.83
CA THR B 138 -28.11 3.04 50.10
C THR B 138 -27.84 4.10 49.07
N MET B 139 -28.76 4.25 48.13
CA MET B 139 -28.62 5.32 47.17
C MET B 139 -29.46 6.48 47.61
N ASP B 140 -28.74 7.53 47.96
CA ASP B 140 -29.24 8.84 48.34
C ASP B 140 -30.02 9.28 47.11
N TYR B 141 -31.29 9.65 47.31
CA TYR B 141 -32.16 10.13 46.22
C TYR B 141 -31.57 11.39 45.58
N ALA B 142 -30.79 12.18 46.36
CA ALA B 142 -30.23 13.48 45.98
C ALA B 142 -29.33 13.42 44.76
N GLU B 143 -28.33 12.53 44.75
CA GLU B 143 -27.41 12.38 43.61
C GLU B 143 -28.20 12.04 42.34
N VAL B 144 -29.14 11.09 42.46
CA VAL B 144 -30.06 10.66 41.40
C VAL B 144 -30.68 11.91 40.82
N SER B 145 -31.37 12.67 41.70
CA SER B 145 -32.02 13.92 41.37
C SER B 145 -31.08 14.94 40.73
N ASN B 146 -29.81 15.04 41.20
CA ASN B 146 -28.85 15.99 40.62
C ASN B 146 -28.70 15.69 39.15
N THR B 147 -28.26 14.46 38.82
CA THR B 147 -28.13 13.99 37.45
C THR B 147 -29.42 14.24 36.66
N PHE B 148 -30.60 14.02 37.27
CA PHE B 148 -31.86 14.30 36.58
C PHE B 148 -31.92 15.78 36.20
N VAL B 149 -31.76 16.69 37.17
CA VAL B 149 -31.77 18.14 36.94
C VAL B 149 -30.79 18.49 35.84
N ARG B 150 -29.55 17.93 35.94
CA ARG B 150 -28.48 18.16 34.97
C ARG B 150 -28.95 17.78 33.57
N LEU B 151 -29.79 16.75 33.48
CA LEU B 151 -30.34 16.31 32.22
C LEU B 151 -31.32 17.34 31.70
N ALA B 152 -32.20 17.85 32.57
CA ALA B 152 -33.21 18.86 32.22
C ALA B 152 -32.56 20.20 31.87
N ASP B 153 -31.32 20.42 32.32
CA ASP B 153 -30.56 21.65 32.07
C ASP B 153 -29.86 21.63 30.73
N THR B 154 -29.33 20.46 30.36
CA THR B 154 -28.68 20.24 29.08
C THR B 154 -29.73 19.89 28.02
N HIS B 155 -31.03 19.93 28.41
CA HIS B 155 -32.22 19.62 27.60
C HIS B 155 -32.27 18.19 27.13
N PHE B 156 -31.51 17.31 27.77
CA PHE B 156 -31.53 15.89 27.44
C PHE B 156 -32.73 15.25 28.11
N VAL B 157 -33.46 16.04 28.91
CA VAL B 157 -34.71 15.70 29.56
C VAL B 157 -35.59 16.95 29.47
N GLN B 158 -36.85 16.79 29.04
CA GLN B 158 -37.77 17.93 28.97
C GLN B 158 -39.18 17.49 29.41
N ARG B 159 -40.07 18.45 29.63
CA ARG B 159 -41.42 18.22 30.14
C ARG B 159 -42.43 17.80 29.10
N CYS B 160 -43.46 17.07 29.54
CA CYS B 160 -44.55 16.68 28.68
C CYS B 160 -45.57 17.80 28.63
N PRO B 161 -45.75 18.46 27.47
CA PRO B 161 -46.79 19.51 27.36
C PRO B 161 -48.19 18.87 27.17
N SER B 162 -49.15 19.54 26.47
CA SER B 162 -50.49 18.97 26.20
C SER B 162 -50.87 18.95 24.69
N VAL B 163 -51.50 17.85 24.20
CA VAL B 163 -51.93 17.67 22.79
C VAL B 163 -53.41 18.06 22.64
N ASP B 231 -51.36 19.36 31.42
CA ASP B 231 -50.90 17.98 31.48
C ASP B 231 -49.35 17.95 31.55
N GLY B 232 -48.81 18.73 32.50
CA GLY B 232 -47.36 18.86 32.65
C GLY B 232 -46.79 18.45 33.98
N ILE B 233 -47.00 17.17 34.39
CA ILE B 233 -46.47 16.56 35.64
C ILE B 233 -45.34 15.57 35.26
N TYR B 234 -45.65 14.72 34.27
CA TYR B 234 -44.83 13.79 33.48
C TYR B 234 -43.59 14.49 32.88
N TRP B 235 -42.61 13.68 32.46
CA TRP B 235 -41.38 14.14 31.83
C TRP B 235 -40.97 13.10 30.79
N GLN B 236 -40.16 13.49 29.81
CA GLN B 236 -39.77 12.55 28.75
C GLN B 236 -38.37 12.77 28.21
N ALA B 237 -37.97 11.93 27.23
CA ALA B 237 -36.65 11.95 26.60
C ALA B 237 -36.58 12.84 25.35
N ASN B 238 -35.67 13.82 25.40
CA ASN B 238 -35.48 14.75 24.31
C ASN B 238 -34.42 14.22 23.35
N LEU B 239 -34.79 13.20 22.59
CA LEU B 239 -33.93 12.58 21.59
C LEU B 239 -33.51 13.55 20.49
N ASP B 240 -34.04 14.80 20.52
CA ASP B 240 -33.67 15.86 19.59
C ASP B 240 -32.28 16.36 19.96
N ARG B 241 -32.05 16.62 21.25
CA ARG B 241 -30.74 17.07 21.74
C ARG B 241 -29.74 15.92 21.67
N PHE B 242 -30.27 14.70 21.58
CA PHE B 242 -29.46 13.51 21.37
C PHE B 242 -28.99 13.56 19.94
N HIS B 243 -29.93 13.85 18.99
CA HIS B 243 -29.63 14.00 17.57
C HIS B 243 -28.65 15.13 17.44
N GLN B 244 -28.83 16.18 18.26
CA GLN B 244 -27.92 17.31 18.30
C GLN B 244 -26.55 16.78 18.65
N HIS B 245 -26.44 15.93 19.69
CA HIS B 245 -25.12 15.46 20.10
C HIS B 245 -24.50 14.44 19.19
N PHE B 246 -25.29 13.59 18.56
CA PHE B 246 -24.77 12.57 17.65
C PHE B 246 -24.30 13.21 16.40
N ARG B 247 -25.07 14.18 15.93
CA ARG B 247 -24.76 15.05 14.81
C ARG B 247 -23.40 15.64 15.18
N ASP B 248 -23.34 16.30 16.35
CA ASP B 248 -22.17 16.97 16.91
C ASP B 248 -20.91 16.12 16.90
N GLN B 249 -21.03 14.89 17.45
CA GLN B 249 -19.91 13.94 17.56
C GLN B 249 -19.47 13.46 16.20
N ALA B 250 -20.42 12.94 15.38
CA ALA B 250 -20.15 12.43 14.03
C ALA B 250 -19.30 13.44 13.30
N ILE B 251 -19.68 14.70 13.43
CA ILE B 251 -18.97 15.81 12.86
C ILE B 251 -17.56 15.93 13.43
N VAL B 252 -17.43 16.12 14.76
CA VAL B 252 -16.15 16.30 15.44
C VAL B 252 -15.15 15.24 14.98
N SER B 253 -15.52 13.98 15.12
CA SER B 253 -14.72 12.84 14.70
C SER B 253 -14.37 12.88 13.21
N ALA B 254 -15.31 13.36 12.34
CA ALA B 254 -15.04 13.46 10.90
C ALA B 254 -13.88 14.40 10.64
N VAL B 255 -13.82 15.48 11.40
CA VAL B 255 -12.70 16.40 11.32
C VAL B 255 -11.48 15.67 11.80
N ALA B 256 -11.57 15.02 12.97
CA ALA B 256 -10.48 14.30 13.60
C ALA B 256 -9.80 13.27 12.67
N ASN B 257 -10.57 12.70 11.71
CA ASN B 257 -10.00 11.74 10.78
C ASN B 257 -9.64 12.37 9.45
N ARG B 258 -10.30 13.50 9.09
CA ARG B 258 -10.06 14.20 7.84
C ARG B 258 -9.04 15.34 8.00
N MET B 259 -8.73 15.69 9.25
CA MET B 259 -7.79 16.76 9.64
C MET B 259 -6.99 16.24 10.85
N ASP B 260 -7.19 16.81 12.06
CA ASP B 260 -6.51 16.36 13.28
C ASP B 260 -7.29 16.68 14.55
N GLN B 261 -6.82 16.14 15.70
CA GLN B 261 -7.44 16.27 17.03
C GLN B 261 -7.69 17.72 17.42
N THR B 262 -6.70 18.57 17.24
CA THR B 262 -6.82 19.96 17.66
C THR B 262 -7.99 20.63 16.93
N SER B 263 -8.06 20.45 15.61
CA SER B 263 -9.12 21.00 14.77
C SER B 263 -10.48 20.60 15.29
N SER B 264 -10.66 19.28 15.46
CA SER B 264 -11.90 18.70 15.96
C SER B 264 -12.27 19.25 17.32
N GLU B 265 -11.27 19.59 18.15
CA GLU B 265 -11.55 20.19 19.46
C GLU B 265 -12.16 21.57 19.27
N ILE B 266 -11.67 22.34 18.28
CA ILE B 266 -12.25 23.64 17.99
C ILE B 266 -13.71 23.44 17.66
N VAL B 267 -13.99 22.48 16.78
CA VAL B 267 -15.34 22.12 16.34
C VAL B 267 -16.22 21.89 17.55
N ARG B 268 -15.76 21.03 18.46
CA ARG B 268 -16.45 20.70 19.69
C ARG B 268 -16.77 21.99 20.44
N THR B 269 -15.81 22.95 20.46
CA THR B 269 -16.00 24.25 21.11
C THR B 269 -17.17 24.98 20.43
N MET B 270 -17.20 24.99 19.08
CA MET B 270 -18.21 25.64 18.23
C MET B 270 -19.59 25.08 18.44
N LEU B 271 -19.69 23.76 18.43
CA LEU B 271 -20.94 23.05 18.63
C LEU B 271 -21.46 23.22 20.02
N ARG B 272 -20.55 23.32 21.02
CA ARG B 272 -20.89 23.53 22.43
C ARG B 272 -21.58 24.88 22.64
N MET B 273 -21.20 25.88 21.85
CA MET B 273 -21.84 27.20 21.90
C MET B 273 -22.89 27.33 20.79
N SER B 274 -23.15 26.22 20.08
CA SER B 274 -24.16 26.12 19.02
C SER B 274 -25.17 24.98 19.33
N GLU B 275 -25.26 24.56 20.61
CA GLU B 275 -26.14 23.49 21.10
C GLU B 275 -27.53 24.00 21.55
N ILE B 276 -27.71 25.33 21.56
CA ILE B 276 -28.95 25.94 22.07
C ILE B 276 -29.47 27.03 21.12
N THR B 277 -28.56 27.80 20.54
CA THR B 277 -28.87 28.89 19.59
C THR B 277 -29.22 28.35 18.20
N THR B 278 -28.87 27.08 17.92
CA THR B 278 -29.15 26.42 16.63
C THR B 278 -29.92 25.11 16.76
N SER B 279 -30.49 24.66 15.63
CA SER B 279 -31.30 23.45 15.55
C SER B 279 -30.52 22.19 15.12
N SER B 280 -31.20 21.02 15.15
CA SER B 280 -30.67 19.70 14.77
C SER B 280 -30.80 19.46 13.25
N SER B 281 -31.51 20.36 12.55
CA SER B 281 -31.76 20.29 11.11
C SER B 281 -31.50 21.62 10.36
N ALA B 282 -30.81 22.56 11.04
CA ALA B 282 -30.42 23.83 10.43
C ALA B 282 -29.30 23.50 9.42
N PRO B 283 -29.25 24.16 8.25
CA PRO B 283 -28.17 23.85 7.31
C PRO B 283 -26.83 24.46 7.72
N PHE B 284 -26.88 25.56 8.50
CA PHE B 284 -25.72 26.32 8.97
C PHE B 284 -26.03 26.92 10.33
N THR B 285 -25.01 26.97 11.20
CA THR B 285 -25.14 27.51 12.56
C THR B 285 -25.24 29.04 12.61
N GLN B 286 -24.80 29.62 13.73
CA GLN B 286 -24.80 31.06 14.03
C GLN B 286 -23.37 31.62 13.99
N PRO B 287 -23.16 32.82 13.37
CA PRO B 287 -21.80 33.39 13.28
C PRO B 287 -21.15 33.59 14.63
N LEU B 288 -19.84 33.35 14.72
CA LEU B 288 -19.09 33.43 15.98
C LEU B 288 -17.67 33.94 15.72
N SER B 289 -17.21 34.96 16.47
CA SER B 289 -15.88 35.53 16.27
C SER B 289 -14.75 34.72 16.86
N SER B 290 -13.58 34.86 16.27
CA SER B 290 -12.34 34.23 16.69
C SER B 290 -12.07 34.47 18.19
N ASN B 291 -12.24 35.71 18.67
CA ASN B 291 -11.94 36.16 20.03
C ASN B 291 -12.72 35.45 21.13
N GLU B 292 -14.05 35.38 20.99
CA GLU B 292 -14.96 34.73 21.93
C GLU B 292 -14.79 33.21 21.90
N ILE B 293 -14.39 32.67 20.73
CA ILE B 293 -14.15 31.24 20.59
C ILE B 293 -12.87 30.91 21.33
N PHE B 294 -11.88 31.81 21.20
CA PHE B 294 -10.60 31.76 21.89
C PHE B 294 -10.87 31.89 23.39
N ARG B 295 -11.98 32.57 23.73
CA ARG B 295 -12.42 32.78 25.10
C ARG B 295 -13.09 31.50 25.63
N SER B 296 -13.93 30.84 24.82
CA SER B 296 -14.62 29.62 25.22
C SER B 296 -13.74 28.37 25.02
N LEU B 297 -12.40 28.54 25.00
CA LEU B 297 -11.45 27.45 24.87
C LEU B 297 -11.49 26.49 26.03
N PRO B 298 -11.34 25.18 25.76
CA PRO B 298 -11.27 24.21 26.87
C PRO B 298 -9.98 24.38 27.67
N VAL B 299 -10.00 23.93 28.94
CA VAL B 299 -8.91 24.04 29.93
C VAL B 299 -7.69 23.17 29.60
N GLY B 300 -7.90 22.07 28.90
CA GLY B 300 -6.84 21.15 28.48
C GLY B 300 -6.00 21.71 27.36
N TYR B 301 -6.49 22.79 26.69
CA TYR B 301 -5.79 23.43 25.60
C TYR B 301 -5.35 24.84 25.86
N ASN B 302 -4.03 25.00 25.89
CA ASN B 302 -3.35 26.26 26.04
C ASN B 302 -2.90 26.59 24.63
N ILE B 303 -3.83 27.04 23.78
CA ILE B 303 -3.47 27.32 22.40
C ILE B 303 -3.70 28.79 22.05
N SER B 304 -2.63 29.41 21.50
CA SER B 304 -2.52 30.81 21.17
C SER B 304 -3.46 31.31 20.11
N LYS B 305 -3.68 32.63 20.15
CA LYS B 305 -4.53 33.39 19.27
C LYS B 305 -4.09 33.19 17.83
N GLN B 306 -2.82 33.52 17.50
CA GLN B 306 -2.27 33.37 16.15
C GLN B 306 -2.42 31.93 15.70
N VAL B 307 -2.27 30.97 16.64
CA VAL B 307 -2.44 29.55 16.37
C VAL B 307 -3.85 29.38 15.92
N LEU B 308 -4.80 29.82 16.76
CA LEU B 308 -6.21 29.78 16.49
C LEU B 308 -6.53 30.40 15.13
N ASP B 309 -5.82 31.48 14.73
CA ASP B 309 -6.07 32.23 13.49
C ASP B 309 -5.66 31.51 12.22
N GLN B 310 -4.47 30.88 12.23
CA GLN B 310 -3.97 30.11 11.08
C GLN B 310 -4.89 28.91 10.93
N TYR B 311 -5.31 28.37 12.09
CA TYR B 311 -6.19 27.24 12.17
C TYR B 311 -7.52 27.53 11.55
N LEU B 312 -8.12 28.66 11.93
CA LEU B 312 -9.42 29.07 11.43
C LEU B 312 -9.43 29.27 9.94
N THR B 313 -8.51 30.11 9.44
CA THR B 313 -8.37 30.38 8.00
C THR B 313 -8.23 29.09 7.24
N LEU B 314 -7.48 28.14 7.81
CA LEU B 314 -7.31 26.82 7.22
C LEU B 314 -8.64 26.09 7.15
N LEU B 315 -9.37 26.07 8.27
CA LEU B 315 -10.63 25.34 8.40
C LEU B 315 -11.66 25.82 7.41
N ALA B 316 -11.84 27.13 7.31
CA ALA B 316 -12.81 27.72 6.40
C ALA B 316 -12.44 27.35 4.97
N ASP B 317 -11.29 27.85 4.49
CA ASP B 317 -10.75 27.57 3.17
C ASP B 317 -10.15 26.15 3.15
N ASP B 318 -11.03 25.15 3.22
CA ASP B 318 -10.68 23.73 3.21
C ASP B 318 -11.53 23.09 2.10
N PRO B 319 -10.96 22.38 1.09
CA PRO B 319 -11.78 21.81 0.01
C PRO B 319 -12.98 20.95 0.45
N LEU B 320 -12.85 20.35 1.64
CA LEU B 320 -13.84 19.54 2.32
C LEU B 320 -14.96 20.50 2.73
N GLU B 321 -14.59 21.64 3.37
CA GLU B 321 -15.46 22.71 3.83
C GLU B 321 -16.59 22.22 4.67
N PHE B 322 -16.37 22.15 5.97
CA PHE B 322 -17.43 21.79 6.90
C PHE B 322 -17.69 23.07 7.69
N VAL B 323 -16.79 24.05 7.52
CA VAL B 323 -16.82 25.38 8.13
C VAL B 323 -16.51 26.40 7.02
N GLY B 324 -17.13 27.58 7.13
CA GLY B 324 -16.93 28.70 6.21
C GLY B 324 -17.09 30.05 6.86
N LYS B 325 -16.24 31.03 6.47
CA LYS B 325 -16.23 32.41 6.99
C LYS B 325 -17.53 33.14 6.62
N SER B 326 -17.95 34.07 7.51
CA SER B 326 -19.16 34.87 7.30
C SER B 326 -18.91 36.38 7.24
N GLY B 327 -17.87 36.86 7.93
CA GLY B 327 -17.60 38.28 7.97
C GLY B 327 -16.17 38.72 7.85
N ASP B 328 -15.53 38.95 9.00
CA ASP B 328 -14.18 39.48 9.16
C ASP B 328 -14.16 40.94 8.65
N SER B 329 -14.48 41.97 9.51
CA SER B 329 -14.78 41.96 10.96
C SER B 329 -13.58 41.43 11.80
N GLY B 330 -13.78 41.30 13.11
CA GLY B 330 -12.71 40.89 14.03
C GLY B 330 -13.10 39.89 15.11
N GLY B 331 -12.24 38.88 15.34
CA GLY B 331 -11.04 38.62 14.56
C GLY B 331 -11.36 37.67 13.43
N GLY B 332 -12.51 37.88 12.81
CA GLY B 332 -13.10 37.08 11.76
C GLY B 332 -14.40 36.47 12.23
N MET B 333 -15.49 36.68 11.48
CA MET B 333 -16.78 36.06 11.82
C MET B 333 -16.77 34.69 11.16
N TYR B 334 -17.15 33.63 11.90
CA TYR B 334 -17.05 32.27 11.37
C TYR B 334 -18.31 31.40 11.57
N VAL B 335 -18.60 30.54 10.59
CA VAL B 335 -19.77 29.64 10.59
C VAL B 335 -19.37 28.17 10.37
N ILE B 336 -20.25 27.24 10.77
CA ILE B 336 -20.12 25.80 10.53
C ILE B 336 -21.15 25.46 9.44
N ASN B 337 -20.73 24.74 8.41
CA ASN B 337 -21.59 24.34 7.31
C ASN B 337 -22.15 22.95 7.52
N LEU B 338 -23.25 22.89 8.30
CA LEU B 338 -23.94 21.68 8.70
C LEU B 338 -24.37 20.86 7.51
N HIS B 339 -24.97 21.53 6.51
CA HIS B 339 -25.43 20.91 5.29
C HIS B 339 -24.29 20.21 4.59
N LYS B 340 -23.26 20.99 4.23
CA LYS B 340 -22.07 20.53 3.56
C LYS B 340 -21.44 19.37 4.33
N ALA B 341 -21.34 19.51 5.66
CA ALA B 341 -20.77 18.49 6.55
C ALA B 341 -21.52 17.16 6.42
N LEU B 342 -22.86 17.21 6.53
CA LEU B 342 -23.69 16.01 6.44
C LEU B 342 -23.55 15.31 5.11
N ALA B 343 -23.67 16.07 4.01
CA ALA B 343 -23.53 15.55 2.66
C ALA B 343 -22.23 14.77 2.53
N SER B 344 -21.11 15.38 2.94
CA SER B 344 -19.80 14.72 2.89
C SER B 344 -19.76 13.47 3.76
N LEU B 345 -20.49 13.46 4.87
CA LEU B 345 -20.50 12.28 5.73
C LEU B 345 -21.11 11.15 4.95
N ALA B 346 -22.33 11.35 4.47
CA ALA B 346 -23.02 10.39 3.64
C ALA B 346 -22.14 9.94 2.48
N THR B 347 -21.48 10.87 1.80
CA THR B 347 -20.63 10.52 0.66
C THR B 347 -19.58 9.50 1.04
N ALA B 348 -18.87 9.75 2.14
CA ALA B 348 -17.86 8.83 2.62
C ALA B 348 -18.47 7.46 2.87
N THR B 349 -19.70 7.40 3.46
CA THR B 349 -20.37 6.12 3.71
C THR B 349 -20.49 5.34 2.43
N LEU B 350 -20.90 6.04 1.38
CA LEU B 350 -21.06 5.49 0.06
C LEU B 350 -19.76 4.95 -0.44
N GLU B 351 -18.67 5.69 -0.25
CA GLU B 351 -17.32 5.26 -0.63
C GLU B 351 -17.01 3.91 0.00
N SER B 352 -17.22 3.79 1.34
CA SER B 352 -16.97 2.55 2.06
C SER B 352 -17.83 1.39 1.53
N VAL B 353 -19.03 1.69 1.02
CA VAL B 353 -19.94 0.68 0.49
C VAL B 353 -19.47 0.18 -0.86
N VAL B 354 -19.00 1.11 -1.69
CA VAL B 354 -18.45 0.78 -2.99
C VAL B 354 -17.27 -0.12 -2.72
N GLN B 355 -16.40 0.28 -1.77
CA GLN B 355 -15.24 -0.49 -1.34
C GLN B 355 -15.67 -1.79 -0.65
N GLU B 356 -16.93 -1.87 -0.21
CA GLU B 356 -17.42 -3.07 0.44
C GLU B 356 -17.73 -4.15 -0.58
N ARG B 357 -18.55 -3.83 -1.60
CA ARG B 357 -19.01 -4.83 -2.55
C ARG B 357 -18.32 -4.81 -3.90
N PHE B 358 -17.84 -3.65 -4.33
CA PHE B 358 -17.19 -3.49 -5.63
C PHE B 358 -15.71 -3.15 -5.43
N GLY B 359 -15.29 -3.23 -4.17
CA GLY B 359 -13.92 -3.07 -3.71
C GLY B 359 -13.21 -1.76 -3.97
N SER B 360 -11.94 -1.71 -3.51
CA SER B 360 -11.01 -0.58 -3.62
C SER B 360 -10.90 -0.09 -5.03
N ARG B 361 -10.88 -1.03 -5.99
CA ARG B 361 -10.80 -0.75 -7.41
C ARG B 361 -11.96 0.21 -7.79
N CYS B 362 -13.20 -0.26 -7.64
CA CYS B 362 -14.38 0.55 -7.95
C CYS B 362 -14.59 1.73 -7.00
N ALA B 363 -14.00 1.68 -5.79
CA ALA B 363 -14.13 2.73 -4.78
C ALA B 363 -13.25 3.90 -5.09
N ARG B 364 -12.07 3.59 -5.66
CA ARG B 364 -11.09 4.54 -6.13
C ARG B 364 -11.71 5.31 -7.27
N ILE B 365 -12.26 4.57 -8.25
CA ILE B 365 -12.90 5.18 -9.41
C ILE B 365 -14.09 6.00 -8.96
N PHE B 366 -14.82 5.48 -7.96
CA PHE B 366 -15.96 6.16 -7.39
C PHE B 366 -15.50 7.49 -6.83
N ARG B 367 -14.35 7.49 -6.13
CA ARG B 367 -13.77 8.69 -5.54
C ARG B 367 -13.48 9.73 -6.61
N LEU B 368 -13.17 9.28 -7.84
CA LEU B 368 -12.92 10.18 -8.96
C LEU B 368 -14.26 10.68 -9.53
N VAL B 369 -15.36 9.97 -9.23
CA VAL B 369 -16.71 10.39 -9.65
C VAL B 369 -17.19 11.56 -8.77
N LEU B 370 -16.47 11.85 -7.68
CA LEU B 370 -16.85 12.95 -6.77
C LEU B 370 -16.58 14.33 -7.36
N GLN B 371 -15.71 14.41 -8.38
CA GLN B 371 -15.33 15.67 -9.01
C GLN B 371 -16.44 16.22 -9.93
N LYS B 372 -16.82 15.47 -10.98
CA LYS B 372 -17.92 15.84 -11.89
C LYS B 372 -18.99 14.75 -11.90
N LYS B 373 -20.18 15.03 -12.47
CA LYS B 373 -21.29 14.08 -12.55
C LYS B 373 -21.19 13.32 -13.85
N HIS B 374 -21.74 12.07 -13.89
CA HIS B 374 -21.65 11.23 -15.09
C HIS B 374 -22.74 10.16 -15.21
N ILE B 375 -23.15 9.73 -16.42
CA ILE B 375 -23.15 10.20 -17.82
C ILE B 375 -22.30 11.49 -18.12
N GLU B 376 -21.38 11.44 -19.13
CA GLU B 376 -21.07 10.31 -19.99
C GLU B 376 -19.77 9.56 -19.56
N GLN B 377 -19.26 8.65 -20.44
CA GLN B 377 -18.07 7.81 -20.29
C GLN B 377 -16.78 8.41 -20.86
N LYS B 378 -16.90 9.38 -21.79
CA LYS B 378 -15.76 10.05 -22.44
C LYS B 378 -14.69 10.40 -21.41
N GLN B 379 -15.10 11.02 -20.30
CA GLN B 379 -14.21 11.45 -19.22
C GLN B 379 -13.98 10.36 -18.16
N VAL B 380 -14.82 9.32 -18.18
CA VAL B 380 -14.74 8.18 -17.26
C VAL B 380 -13.50 7.33 -17.54
N GLU B 381 -13.44 6.66 -18.72
CA GLU B 381 -12.34 5.80 -19.12
C GLU B 381 -11.03 6.57 -19.15
N ASP B 382 -11.14 7.87 -19.44
CA ASP B 382 -10.03 8.79 -19.54
C ASP B 382 -9.41 9.02 -18.16
N PHE B 383 -10.22 9.45 -17.17
CA PHE B 383 -9.72 9.68 -15.81
C PHE B 383 -9.59 8.37 -15.02
N ALA B 384 -9.98 7.23 -15.62
CA ALA B 384 -9.93 5.90 -15.01
C ALA B 384 -8.51 5.34 -14.91
N MET B 385 -7.73 5.45 -16.01
CA MET B 385 -6.36 4.94 -16.21
C MET B 385 -6.31 3.42 -16.34
N ILE B 386 -7.28 2.86 -17.07
CA ILE B 386 -7.40 1.43 -17.32
C ILE B 386 -8.04 1.24 -18.71
N PRO B 387 -8.03 0.00 -19.29
CA PRO B 387 -8.65 -0.20 -20.61
C PRO B 387 -10.14 0.14 -20.65
N ALA B 388 -10.67 0.35 -21.88
CA ALA B 388 -12.05 0.73 -22.15
C ALA B 388 -13.09 -0.19 -21.56
N LYS B 389 -13.11 -1.47 -22.00
CA LYS B 389 -14.05 -2.51 -21.58
C LYS B 389 -14.24 -2.56 -20.07
N GLU B 390 -13.13 -2.39 -19.33
CA GLU B 390 -13.12 -2.35 -17.88
C GLU B 390 -13.93 -1.17 -17.36
N ALA B 391 -13.60 0.05 -17.82
CA ALA B 391 -14.29 1.28 -17.45
C ALA B 391 -15.78 1.18 -17.73
N LYS B 392 -16.16 0.54 -18.85
CA LYS B 392 -17.54 0.31 -19.24
C LYS B 392 -18.26 -0.50 -18.15
N ASP B 393 -17.76 -1.72 -17.83
CA ASP B 393 -18.35 -2.59 -16.81
C ASP B 393 -18.59 -1.91 -15.49
N MET B 394 -17.53 -1.29 -14.91
CA MET B 394 -17.65 -0.61 -13.62
C MET B 394 -18.61 0.60 -13.65
N LEU B 395 -18.67 1.33 -14.78
CA LEU B 395 -19.61 2.45 -14.97
C LEU B 395 -21.04 1.90 -14.85
N TYR B 396 -21.32 0.73 -15.50
CA TYR B 396 -22.62 0.07 -15.43
C TYR B 396 -22.93 -0.23 -13.97
N LYS B 397 -22.04 -0.93 -13.26
CA LYS B 397 -22.20 -1.35 -11.85
C LYS B 397 -22.53 -0.22 -10.88
N MET B 398 -21.93 0.97 -11.10
CA MET B 398 -22.22 2.10 -10.21
C MET B 398 -23.59 2.70 -10.50
N LEU B 399 -23.92 3.02 -11.76
CA LEU B 399 -25.27 3.52 -12.04
C LEU B 399 -26.32 2.39 -11.91
N SER B 400 -25.90 1.10 -11.85
CA SER B 400 -26.76 -0.10 -11.77
C SER B 400 -27.69 -0.11 -10.59
N GLU B 401 -27.18 0.25 -9.42
CA GLU B 401 -27.97 0.31 -8.21
C GLU B 401 -28.15 1.78 -7.81
N ASN B 402 -28.00 2.70 -8.80
CA ASN B 402 -28.11 4.14 -8.66
C ASN B 402 -27.09 4.71 -7.70
N PHE B 403 -25.89 4.93 -8.20
CA PHE B 403 -24.84 5.55 -7.40
C PHE B 403 -24.56 6.87 -8.06
N MET B 404 -24.93 6.98 -9.35
CA MET B 404 -24.83 8.20 -10.13
C MET B 404 -26.19 8.62 -10.70
N VAL B 426 -23.20 11.82 -10.41
CA VAL B 426 -23.69 11.27 -9.16
C VAL B 426 -24.85 12.07 -8.62
N ASN B 427 -25.88 11.38 -8.15
CA ASN B 427 -27.01 12.05 -7.53
C ASN B 427 -26.96 11.84 -6.03
N ILE B 428 -26.63 12.90 -5.28
CA ILE B 428 -26.46 12.92 -3.83
C ILE B 428 -27.68 12.39 -3.04
N LEU B 429 -28.65 13.29 -2.75
CA LEU B 429 -29.84 13.01 -1.99
C LEU B 429 -30.56 11.78 -2.46
N SER B 430 -30.72 11.65 -3.78
CA SER B 430 -31.38 10.51 -4.40
C SER B 430 -30.80 9.21 -3.88
N ALA B 431 -29.52 8.94 -4.13
CA ALA B 431 -28.83 7.73 -3.69
C ALA B 431 -28.89 7.57 -2.19
N ALA B 432 -28.92 8.70 -1.46
CA ALA B 432 -29.03 8.70 -0.01
C ALA B 432 -30.32 8.00 0.41
N ARG B 433 -31.46 8.51 -0.08
CA ARG B 433 -32.80 7.97 0.19
C ARG B 433 -32.91 6.51 -0.23
N MET B 434 -32.25 6.13 -1.34
CA MET B 434 -32.26 4.76 -1.84
C MET B 434 -31.60 3.88 -0.83
N LEU B 435 -30.39 4.28 -0.45
CA LEU B 435 -29.60 3.61 0.56
C LEU B 435 -30.43 3.40 1.80
N LEU B 436 -31.12 4.46 2.26
CA LEU B 436 -31.98 4.47 3.44
C LEU B 436 -32.93 3.28 3.40
N HIS B 437 -33.63 3.10 2.27
CA HIS B 437 -34.54 1.98 2.15
C HIS B 437 -33.82 0.65 2.26
N ARG B 438 -32.69 0.49 1.56
CA ARG B 438 -31.85 -0.72 1.61
C ARG B 438 -31.51 -1.04 3.06
N CYS B 439 -31.31 0.00 3.90
CA CYS B 439 -31.04 -0.18 5.33
C CYS B 439 -32.20 -0.92 5.93
N TYR B 440 -33.39 -0.31 5.87
CA TYR B 440 -34.62 -0.85 6.41
C TYR B 440 -34.83 -2.30 6.01
N LYS B 441 -34.55 -2.62 4.73
CA LYS B 441 -34.63 -3.96 4.17
C LYS B 441 -33.74 -4.91 4.98
N SER B 442 -32.43 -4.60 5.06
CA SER B 442 -31.45 -5.40 5.78
C SER B 442 -31.91 -5.66 7.20
N ILE B 443 -32.44 -4.61 7.86
CA ILE B 443 -32.93 -4.68 9.23
C ILE B 443 -33.99 -5.73 9.33
N ALA B 444 -34.99 -5.67 8.43
CA ALA B 444 -36.07 -6.64 8.41
C ALA B 444 -35.47 -8.03 8.46
N ASN B 445 -34.49 -8.33 7.57
CA ASN B 445 -33.78 -9.61 7.56
C ASN B 445 -33.26 -9.97 8.94
N LEU B 446 -32.56 -9.02 9.57
CA LEU B 446 -31.93 -9.20 10.88
C LEU B 446 -32.90 -9.66 11.93
N ILE B 447 -33.91 -8.84 12.21
CA ILE B 447 -34.93 -9.14 13.20
C ILE B 447 -35.56 -10.47 12.89
N GLU B 448 -35.93 -10.71 11.61
CA GLU B 448 -36.54 -11.94 11.10
C GLU B 448 -35.79 -13.16 11.64
N ARG B 449 -34.47 -13.18 11.41
CA ARG B 449 -33.59 -14.27 11.81
C ARG B 449 -33.44 -14.38 13.30
N ARG B 450 -33.31 -13.25 14.03
CA ARG B 450 -33.23 -13.28 15.48
C ARG B 450 -34.51 -13.88 16.03
N GLN B 451 -35.66 -13.30 15.66
CA GLN B 451 -37.01 -13.70 16.03
C GLN B 451 -37.20 -15.19 15.86
N PHE B 452 -36.86 -15.70 14.66
CA PHE B 452 -37.00 -17.10 14.33
C PHE B 452 -36.07 -18.03 15.12
N GLU B 453 -34.83 -17.59 15.34
CA GLU B 453 -33.83 -18.37 16.08
C GLU B 453 -34.29 -18.59 17.52
N THR B 454 -34.90 -17.58 18.17
CA THR B 454 -35.43 -17.74 19.52
C THR B 454 -36.74 -18.52 19.49
N LYS B 455 -37.47 -18.39 18.36
CA LYS B 455 -38.76 -19.03 18.09
C LYS B 455 -38.64 -20.54 18.07
N GLU B 456 -37.94 -21.09 17.07
CA GLU B 456 -37.76 -22.53 16.95
C GLU B 456 -36.87 -23.08 18.07
N ASN B 457 -36.03 -22.23 18.67
CA ASN B 457 -35.17 -22.69 19.76
C ASN B 457 -35.75 -22.31 21.13
N LYS B 458 -37.07 -22.05 21.18
CA LYS B 458 -37.77 -21.72 22.42
C LYS B 458 -37.52 -22.75 23.51
N ARG B 459 -37.65 -24.03 23.16
CA ARG B 459 -37.40 -25.14 24.09
C ARG B 459 -35.91 -25.47 24.15
N LEU B 460 -35.15 -24.55 24.74
CA LEU B 460 -33.70 -24.54 24.97
C LEU B 460 -33.42 -23.28 25.77
N LEU B 461 -34.24 -22.22 25.52
CA LEU B 461 -34.16 -20.93 26.20
C LEU B 461 -34.24 -21.10 27.71
N GLU B 462 -35.33 -21.67 28.22
CA GLU B 462 -35.55 -21.90 29.65
C GLU B 462 -34.59 -22.93 30.24
N LYS B 463 -34.25 -24.00 29.48
CA LYS B 463 -33.31 -25.04 29.93
C LYS B 463 -31.99 -24.38 30.33
N SER B 464 -31.57 -23.37 29.55
CA SER B 464 -30.38 -22.58 29.83
C SER B 464 -30.60 -21.74 31.07
N GLN B 465 -31.78 -21.10 31.19
CA GLN B 465 -32.16 -20.25 32.32
C GLN B 465 -31.99 -20.96 33.65
N ARG B 466 -32.58 -22.16 33.80
CA ARG B 466 -32.46 -22.90 35.04
C ARG B 466 -31.00 -23.17 35.36
N VAL B 467 -30.24 -23.68 34.36
CA VAL B 467 -28.83 -24.01 34.49
C VAL B 467 -28.11 -22.89 35.20
N GLU B 468 -28.33 -21.68 34.71
CA GLU B 468 -27.71 -20.49 35.27
C GLU B 468 -28.19 -20.21 36.66
N ALA B 469 -29.49 -20.44 36.94
CA ALA B 469 -30.09 -20.21 38.25
C ALA B 469 -29.63 -21.22 39.31
N ILE B 470 -28.69 -22.11 38.93
CA ILE B 470 -28.14 -23.17 39.79
C ILE B 470 -26.72 -22.81 40.28
N ILE B 471 -26.05 -21.90 39.57
CA ILE B 471 -24.73 -21.41 39.94
C ILE B 471 -24.92 -19.98 40.54
N ALA B 472 -26.21 -19.60 40.76
CA ALA B 472 -26.67 -18.31 41.26
C ALA B 472 -26.20 -17.91 42.71
N SER B 473 -26.23 -18.63 43.88
CA SER B 473 -26.72 -19.89 44.48
C SER B 473 -25.62 -20.93 44.80
N MET B 474 -24.47 -20.87 44.10
CA MET B 474 -23.40 -21.86 44.17
C MET B 474 -22.05 -21.21 44.23
N GLN B 475 -21.63 -21.04 45.45
CA GLN B 475 -20.52 -20.22 45.80
C GLN B 475 -19.89 -20.61 47.13
N ALA B 476 -20.69 -21.15 48.05
CA ALA B 476 -20.29 -21.49 49.40
C ALA B 476 -19.81 -22.92 49.56
N THR B 477 -20.57 -23.90 49.04
CA THR B 477 -20.26 -25.31 49.20
C THR B 477 -18.92 -25.73 48.59
N GLY B 478 -18.33 -26.74 49.22
CA GLY B 478 -17.08 -27.37 48.79
C GLY B 478 -17.30 -28.17 47.52
N ALA B 479 -18.23 -29.15 47.57
CA ALA B 479 -18.65 -30.01 46.45
C ALA B 479 -19.33 -29.21 45.31
N GLU B 480 -19.17 -27.87 45.34
CA GLU B 480 -19.61 -26.90 44.35
C GLU B 480 -19.41 -27.40 42.94
N GLU B 481 -18.19 -27.87 42.68
CA GLU B 481 -17.64 -28.37 41.44
C GLU B 481 -18.40 -29.57 40.90
N ALA B 482 -18.77 -30.52 41.79
CA ALA B 482 -19.56 -31.69 41.40
C ALA B 482 -20.94 -31.25 40.91
N GLN B 483 -21.52 -30.24 41.59
CA GLN B 483 -22.80 -29.65 41.21
C GLN B 483 -22.68 -29.07 39.81
N LEU B 484 -21.52 -28.42 39.57
CA LEU B 484 -21.20 -27.86 38.27
C LEU B 484 -21.16 -28.96 37.23
N GLN B 485 -20.60 -30.15 37.56
CA GLN B 485 -20.58 -31.30 36.63
C GLN B 485 -21.99 -31.78 36.31
N GLU B 486 -22.88 -31.79 37.32
CA GLU B 486 -24.26 -32.20 37.14
C GLU B 486 -24.92 -31.25 36.16
N ILE B 487 -24.66 -29.93 36.34
CA ILE B 487 -25.09 -28.87 35.43
C ILE B 487 -24.59 -29.23 34.05
N GLU B 488 -23.31 -29.64 33.93
CA GLU B 488 -22.68 -30.01 32.65
C GLU B 488 -23.33 -31.21 32.02
N GLU B 489 -23.85 -32.15 32.84
CA GLU B 489 -24.45 -33.38 32.35
C GLU B 489 -25.88 -33.20 31.84
N MET B 490 -26.55 -32.10 32.25
CA MET B 490 -27.90 -31.74 31.82
C MET B 490 -27.83 -31.37 30.35
N ILE B 491 -26.99 -30.35 30.07
CA ILE B 491 -26.74 -29.80 28.75
C ILE B 491 -25.81 -30.72 27.97
N THR B 492 -26.36 -31.73 27.30
CA THR B 492 -25.57 -32.63 26.45
C THR B 492 -24.90 -31.83 25.33
N ALA B 493 -23.92 -32.45 24.66
CA ALA B 493 -23.12 -31.83 23.62
C ALA B 493 -23.89 -31.09 22.51
N PRO B 494 -24.85 -31.71 21.78
CA PRO B 494 -25.47 -30.98 20.65
C PRO B 494 -26.32 -29.79 21.01
N GLU B 495 -27.05 -29.87 22.14
CA GLU B 495 -27.95 -28.81 22.61
C GLU B 495 -27.13 -27.57 22.83
N ARG B 496 -25.97 -27.74 23.50
CA ARG B 496 -25.13 -26.60 23.78
C ARG B 496 -24.39 -26.15 22.54
N GLN B 497 -24.00 -27.07 21.64
CA GLN B 497 -23.34 -26.64 20.41
C GLN B 497 -24.27 -25.77 19.62
N GLN B 498 -25.56 -26.12 19.65
CA GLN B 498 -26.61 -25.34 19.04
C GLN B 498 -26.81 -24.01 19.74
N LEU B 499 -26.68 -23.99 21.09
CA LEU B 499 -26.79 -22.75 21.86
C LEU B 499 -25.73 -21.81 21.40
N GLU B 500 -24.51 -22.32 21.19
CA GLU B 500 -23.39 -21.56 20.71
C GLU B 500 -23.65 -21.10 19.30
N THR B 501 -24.18 -22.00 18.46
CA THR B 501 -24.48 -21.69 17.07
C THR B 501 -25.47 -20.53 17.01
N LEU B 502 -26.58 -20.69 17.73
CA LEU B 502 -27.66 -19.71 17.82
C LEU B 502 -27.19 -18.43 18.42
N LYS B 503 -26.46 -18.52 19.53
CA LYS B 503 -25.92 -17.39 20.27
C LYS B 503 -25.02 -16.60 19.32
N ARG B 504 -24.10 -17.28 18.59
CA ARG B 504 -23.22 -16.62 17.63
C ARG B 504 -24.03 -15.95 16.54
N ASN B 505 -25.13 -16.60 16.12
CA ASN B 505 -25.96 -16.03 15.09
C ASN B 505 -26.70 -14.83 15.61
N VAL B 506 -27.14 -14.90 16.88
CA VAL B 506 -27.78 -13.80 17.61
C VAL B 506 -26.83 -12.60 17.57
N ASN B 507 -25.51 -12.86 17.72
CA ASN B 507 -24.47 -11.83 17.67
C ASN B 507 -24.39 -11.20 16.31
N LYS B 508 -24.07 -11.99 15.26
CA LYS B 508 -23.94 -11.54 13.86
C LYS B 508 -24.99 -10.51 13.57
N LEU B 509 -26.21 -10.79 14.06
CA LEU B 509 -27.37 -9.94 13.96
C LEU B 509 -27.20 -8.69 14.79
N ASP B 510 -27.19 -8.85 16.13
CA ASP B 510 -27.06 -7.76 17.11
C ASP B 510 -26.06 -6.68 16.72
N ALA B 511 -24.91 -7.10 16.16
CA ALA B 511 -23.84 -6.21 15.75
C ALA B 511 -24.19 -5.42 14.50
N SER B 512 -24.57 -6.16 13.44
CA SER B 512 -24.99 -5.59 12.18
C SER B 512 -26.04 -4.55 12.51
N GLU B 513 -27.02 -4.93 13.35
CA GLU B 513 -28.08 -4.07 13.82
C GLU B 513 -27.55 -2.70 14.26
N ILE B 514 -26.63 -2.68 15.24
CA ILE B 514 -26.02 -1.45 15.76
C ILE B 514 -25.46 -0.61 14.63
N GLN B 515 -24.59 -1.24 13.83
CA GLN B 515 -23.92 -0.59 12.71
C GLN B 515 -24.92 0.21 11.91
N VAL B 516 -25.94 -0.49 11.40
CA VAL B 516 -27.00 0.09 10.59
C VAL B 516 -27.62 1.25 11.33
N ASP B 517 -27.85 1.11 12.64
CA ASP B 517 -28.46 2.19 13.41
C ASP B 517 -27.74 3.49 13.18
N GLU B 518 -26.43 3.53 13.50
CA GLU B 518 -25.66 4.74 13.35
C GLU B 518 -25.81 5.27 11.94
N THR B 519 -25.67 4.36 10.97
CA THR B 519 -25.80 4.67 9.55
C THR B 519 -27.13 5.40 9.28
N ILE B 520 -28.23 4.87 9.83
CA ILE B 520 -29.57 5.43 9.65
C ILE B 520 -29.66 6.82 10.21
N PHE B 521 -29.14 7.00 11.44
CA PHE B 521 -29.16 8.33 12.05
C PHE B 521 -28.63 9.34 11.09
N LEU B 522 -27.47 9.02 10.49
CA LEU B 522 -26.83 9.89 9.51
C LEU B 522 -27.78 10.20 8.39
N LEU B 523 -28.14 9.17 7.59
CA LEU B 523 -28.98 9.32 6.43
C LEU B 523 -30.17 10.19 6.68
N GLU B 524 -31.00 9.79 7.65
CA GLU B 524 -32.19 10.53 8.03
C GLU B 524 -31.86 11.96 8.41
N SER B 525 -30.75 12.16 9.14
CA SER B 525 -30.33 13.49 9.50
C SER B 525 -29.96 14.33 8.27
N TYR B 526 -29.48 13.69 7.19
CA TYR B 526 -29.20 14.43 5.98
C TYR B 526 -30.51 14.75 5.27
N ILE B 527 -31.42 13.78 5.29
CA ILE B 527 -32.72 13.85 4.65
C ILE B 527 -33.48 15.01 5.24
N GLU B 528 -33.40 15.16 6.56
CA GLU B 528 -34.04 16.23 7.29
C GLU B 528 -33.28 17.54 7.08
N CYS B 529 -31.96 17.45 6.86
CA CYS B 529 -31.12 18.63 6.63
C CYS B 529 -31.49 19.26 5.30
N THR B 530 -31.75 18.41 4.29
CA THR B 530 -32.15 18.84 2.97
C THR B 530 -33.58 19.40 2.98
N MET B 531 -34.20 19.40 4.17
CA MET B 531 -35.52 19.97 4.35
C MET B 531 -35.37 21.42 4.82
N LYS B 532 -35.00 22.30 3.88
CA LYS B 532 -34.87 23.72 4.14
C LYS B 532 -35.96 24.45 3.33
N UNK C 1 51.86 -24.25 -13.91
CA UNK C 1 52.97 -25.08 -14.37
C UNK C 1 52.47 -26.38 -15.05
N UNK C 2 51.42 -26.27 -15.90
CA UNK C 2 50.74 -27.33 -16.66
C UNK C 2 49.87 -28.29 -15.77
N UNK C 3 48.74 -28.88 -16.27
CA UNK C 3 48.17 -28.87 -17.63
C UNK C 3 46.63 -29.02 -17.64
N UNK C 4 46.15 -30.22 -17.26
CA UNK C 4 44.73 -30.60 -17.22
C UNK C 4 44.21 -30.98 -15.80
N UNK C 5 44.88 -31.85 -14.98
CA UNK C 5 46.11 -32.63 -15.18
C UNK C 5 45.79 -33.93 -15.92
N UNK C 6 44.84 -34.71 -15.37
CA UNK C 6 44.31 -35.98 -15.89
C UNK C 6 43.40 -36.62 -14.85
N UNK C 7 43.96 -36.85 -13.64
CA UNK C 7 43.31 -37.47 -12.49
C UNK C 7 41.98 -36.81 -12.19
N UNK C 8 42.02 -35.52 -11.78
CA UNK C 8 40.83 -34.75 -11.47
C UNK C 8 41.03 -33.24 -11.62
N UNK C 9 42.13 -32.67 -11.03
CA UNK C 9 42.35 -31.22 -11.05
C UNK C 9 43.81 -30.73 -11.03
N UNK C 10 43.97 -29.39 -11.17
CA UNK C 10 45.21 -28.63 -11.14
C UNK C 10 44.90 -27.30 -10.45
N UNK C 11 45.60 -27.03 -9.34
CA UNK C 11 45.43 -25.82 -8.54
C UNK C 11 46.75 -25.02 -8.50
N UNK C 12 47.39 -24.87 -9.68
CA UNK C 12 48.66 -24.16 -9.86
C UNK C 12 48.45 -22.63 -9.93
N UNK C 13 49.54 -21.85 -9.79
CA UNK C 13 49.48 -20.37 -9.83
C UNK C 13 49.60 -19.82 -11.26
N UNK C 14 50.81 -19.39 -11.67
CA UNK C 14 51.17 -18.86 -13.00
C UNK C 14 50.15 -17.85 -13.60
N UNK C 15 49.78 -16.83 -12.82
CA UNK C 15 48.87 -15.74 -13.23
C UNK C 15 49.70 -14.72 -14.08
N UNK C 16 49.11 -13.71 -14.80
CA UNK C 16 47.71 -13.29 -14.95
C UNK C 16 47.38 -12.98 -16.43
N UNK C 17 48.44 -12.83 -17.27
CA UNK C 17 48.48 -12.57 -18.71
C UNK C 17 47.34 -11.71 -19.29
N UNK C 18 47.60 -10.44 -19.55
CA UNK C 18 48.86 -9.79 -19.24
C UNK C 18 48.57 -8.52 -18.44
N UNK C 19 49.42 -7.48 -18.58
CA UNK C 19 49.24 -6.17 -17.94
C UNK C 19 48.34 -5.30 -18.83
N UNK C 20 48.00 -5.83 -20.05
CA UNK C 20 47.12 -5.23 -21.05
C UNK C 20 45.66 -5.33 -20.57
N UNK C 21 45.41 -6.29 -19.67
CA UNK C 21 44.13 -6.53 -19.01
C UNK C 21 43.81 -5.34 -18.11
N UNK C 22 44.86 -4.77 -17.49
CA UNK C 22 44.83 -3.61 -16.58
C UNK C 22 44.70 -2.29 -17.33
N UNK C 23 45.10 -2.25 -18.61
CA UNK C 23 45.00 -1.06 -19.46
C UNK C 23 43.55 -0.73 -19.85
N UNK C 24 42.68 -1.76 -19.88
CA UNK C 24 41.26 -1.65 -20.21
C UNK C 24 40.50 -0.95 -19.07
N UNK C 25 40.74 -1.40 -17.82
CA UNK C 25 40.14 -0.91 -16.58
C UNK C 25 40.44 0.55 -16.30
N UNK C 26 41.59 1.06 -16.78
CA UNK C 26 41.94 2.46 -16.62
C UNK C 26 41.04 3.27 -17.56
N UNK C 27 40.81 2.75 -18.79
CA UNK C 27 39.91 3.36 -19.78
C UNK C 27 38.44 3.04 -19.46
N UNK C 28 38.18 2.34 -18.33
CA UNK C 28 36.85 1.93 -17.88
C UNK C 28 36.42 2.53 -16.53
N UNK C 29 37.27 2.41 -15.49
CA UNK C 29 37.00 2.94 -14.14
C UNK C 29 36.98 4.46 -14.15
N UNK C 30 37.81 5.09 -15.00
CA UNK C 30 37.86 6.54 -15.15
C UNK C 30 36.68 7.02 -16.00
N UNK C 31 36.22 6.17 -16.94
CA UNK C 31 35.09 6.45 -17.82
C UNK C 31 33.79 6.54 -17.02
N UNK C 32 33.64 5.67 -16.00
CA UNK C 32 32.48 5.63 -15.10
C UNK C 32 32.50 6.87 -14.21
N UNK C 33 33.71 7.31 -13.82
CA UNK C 33 33.94 8.50 -13.02
C UNK C 33 33.68 9.75 -13.87
N UNK C 34 33.94 9.66 -15.19
CA UNK C 34 33.72 10.75 -16.15
C UNK C 34 32.23 11.00 -16.40
N UNK C 35 31.39 9.97 -16.14
CA UNK C 35 29.93 10.05 -16.28
C UNK C 35 29.32 10.76 -15.07
N UNK C 36 29.93 10.59 -13.88
CA UNK C 36 29.50 11.18 -12.60
C UNK C 36 30.47 12.28 -12.14
N UNK C 37 28.55 -27.51 -3.20
CA UNK C 37 27.18 -27.02 -3.26
C UNK C 37 26.66 -26.48 -1.91
N UNK C 38 26.92 -27.21 -0.79
CA UNK C 38 26.52 -26.85 0.58
C UNK C 38 27.71 -26.35 1.40
N UNK C 39 28.88 -27.01 1.24
CA UNK C 39 30.16 -26.61 1.85
C UNK C 39 30.65 -25.43 1.00
N UNK C 40 29.77 -25.02 0.08
CA UNK C 40 29.83 -23.92 -0.86
C UNK C 40 28.72 -22.92 -0.53
N UNK C 41 27.56 -23.39 -0.01
CA UNK C 41 26.43 -22.55 0.41
C UNK C 41 26.79 -21.84 1.72
N UNK C 42 27.34 -22.60 2.69
CA UNK C 42 27.81 -22.07 3.97
C UNK C 42 29.03 -21.21 3.69
N UNK C 43 29.80 -21.59 2.66
CA UNK C 43 30.98 -20.88 2.18
C UNK C 43 30.59 -19.56 1.49
N UNK C 44 29.41 -19.53 0.82
CA UNK C 44 28.87 -18.34 0.13
C UNK C 44 28.42 -17.26 1.12
N UNK C 45 28.40 -17.60 2.41
CA UNK C 45 28.02 -16.73 3.52
C UNK C 45 29.15 -16.65 4.55
N UNK C 46 30.16 -17.54 4.44
CA UNK C 46 31.31 -17.60 5.33
C UNK C 46 32.17 -16.34 5.27
N UNK C 47 32.91 -16.08 6.34
CA UNK C 47 33.77 -14.91 6.45
C UNK C 47 34.95 -15.23 7.33
N UNK C 48 35.68 -14.18 7.80
CA UNK C 48 36.85 -14.21 8.68
C UNK C 48 38.06 -14.91 8.08
N UNK C 49 39.22 -14.23 8.12
CA UNK C 49 40.51 -14.73 7.64
C UNK C 49 41.55 -14.59 8.76
N UNK C 50 42.78 -15.10 8.52
CA UNK C 50 43.85 -14.98 9.50
C UNK C 50 44.11 -13.49 9.74
N UNK C 51 43.90 -13.05 10.98
CA UNK C 51 44.03 -11.65 11.35
C UNK C 51 45.50 -11.22 11.67
N UNK C 52 46.25 -10.78 10.63
CA UNK C 52 47.66 -10.33 10.72
C UNK C 52 47.90 -8.92 10.16
N UNK C 53 48.54 -8.03 10.97
CA UNK C 53 48.85 -6.63 10.66
C UNK C 53 49.74 -6.42 9.43
N UNK D 1 -43.66 -7.06 26.79
CA UNK D 1 -43.58 -7.52 28.17
C UNK D 1 -42.22 -7.10 28.78
N UNK D 2 -41.68 -7.91 29.72
CA UNK D 2 -40.35 -7.69 30.32
C UNK D 2 -39.28 -8.34 29.42
N UNK D 3 -39.73 -9.06 28.37
CA UNK D 3 -38.93 -9.73 27.34
C UNK D 3 -38.35 -8.67 26.41
N UNK D 4 -38.99 -7.49 26.35
CA UNK D 4 -38.59 -6.31 25.58
C UNK D 4 -37.28 -5.78 26.17
N UNK D 5 -37.15 -5.87 27.52
CA UNK D 5 -36.00 -5.43 28.32
C UNK D 5 -34.82 -6.43 28.26
N UNK D 6 -35.12 -7.70 27.95
CA UNK D 6 -34.12 -8.77 27.84
C UNK D 6 -33.25 -8.59 26.58
N UNK D 7 -33.81 -7.95 25.53
CA UNK D 7 -33.14 -7.69 24.25
C UNK D 7 -32.06 -6.61 24.43
N UNK D 8 -32.40 -5.49 25.10
CA UNK D 8 -31.53 -4.35 25.38
C UNK D 8 -30.30 -4.70 26.21
N UNK D 9 -30.41 -5.72 27.07
CA UNK D 9 -29.27 -6.18 27.86
C UNK D 9 -28.30 -6.88 26.90
N UNK D 10 -28.83 -7.70 25.96
CA UNK D 10 -28.06 -8.40 24.94
C UNK D 10 -27.69 -7.44 23.78
N UNK D 11 -28.05 -6.13 23.91
CA UNK D 11 -27.80 -5.09 22.91
C UNK D 11 -26.87 -3.96 23.40
N UNK D 12 -27.17 -3.36 24.57
CA UNK D 12 -26.37 -2.28 25.16
C UNK D 12 -24.99 -2.79 25.58
N UNK D 13 -24.90 -4.05 26.04
CA UNK D 13 -23.64 -4.70 26.42
C UNK D 13 -22.87 -5.14 25.18
N UNK D 14 -23.60 -5.47 24.09
CA UNK D 14 -23.04 -5.89 22.81
C UNK D 14 -22.30 -4.73 22.14
N UNK D 15 -22.84 -3.50 22.26
CA UNK D 15 -22.24 -2.27 21.74
C UNK D 15 -20.98 -1.94 22.53
N UNK D 16 -21.02 -2.23 23.85
CA UNK D 16 -19.90 -2.05 24.77
C UNK D 16 -18.83 -3.10 24.50
N UNK D 17 -19.25 -4.31 24.05
CA UNK D 17 -18.35 -5.42 23.70
C UNK D 17 -17.56 -5.14 22.41
N UNK D 18 -18.08 -4.23 21.55
CA UNK D 18 -17.43 -3.81 20.31
C UNK D 18 -16.32 -2.78 20.59
N UNK D 19 -16.51 -1.95 21.64
CA UNK D 19 -15.59 -0.90 22.08
C UNK D 19 -14.93 -1.26 23.42
#